data_3E32
#
_entry.id   3E32
#
_cell.length_a   173.383
_cell.length_b   173.383
_cell.length_c   70.039
_cell.angle_alpha   90.00
_cell.angle_beta   90.00
_cell.angle_gamma   120.00
#
_symmetry.space_group_name_H-M   'P 61'
#
loop_
_entity.id
_entity.type
_entity.pdbx_description
1 polymer 'Protein farnesyltransferase/geranylgeranyltransferase type-1 subunit alpha'
2 polymer 'Protein farnesyltransferase subunit beta'
3 non-polymer 'ZINC ION'
4 non-polymer 'FARNESYL DIPHOSPHATE'
5 non-polymer N-benzyl-N-(2-{(4-cyanophenyl)[(1-methyl-1H-imidazol-5-yl)methyl]amino}ethyl)-1-methyl-1H-imidazole-4-sulfonamide
6 water water
#
loop_
_entity_poly.entity_id
_entity_poly.type
_entity_poly.pdbx_seq_one_letter_code
_entity_poly.pdbx_strand_id
1 'polypeptide(L)'
;MAATEGVGESAPGGEPGQPEQPPPPPPPPPAQQPQEEEMAAEAGEAAASPMDDGFLSLDSPTYVLYRDRAEWADIDPVPQ
NDGPSPVVQIIYSEKFRDVYDYFRAVLQRDERSERAFKLTRDAIELNAANYTVWHFRRVLLRSLQKDLQEEMNYIIAIIE
EQPKNYQVWHHRRVLVEWLKDPSQELEFIADILNQDAKNYHAWQHRQWVIQEFRLWDNELQYVDQLLKEDVRNNSVWNQR
HFVISNTTGYSDRAVLEREVQYTLEMIKLVPHNESAWNYLKGILQDRGLSRYPNLLNQLLDLQPSHSSPYLIAFLVDIYE
DMLENQCDNKEDILNKALELCEILAKEKDTIRKEYWRYIGRSLQSKHSRESDIPASV
;
A
2 'polypeptide(L)'
;MASSSSFTYYCPPSSSPVWSEPLYSLRPEHARERLQDDSVETVTSIEQAKVEEKIQEVFSSYKFNHLVPRLVLQREKHFH
YLKRGLRQLTDAYECLDASRPWLCYWILHSLELLDEPIPQIVATDVCQFLELCQSPDGGFGGGPGQYPHLAPTYAAVNAL
CIIGTEEAYNVINREKLLQYLYSLKQPDGSFLMHVGGEVDVRSAYCAASVASLTNIITPDLFEGTAEWIARCQNWEGGIG
GVPGMEAHGGYTFCGLAALVILKKERSLNLKSLLQWVTSRQMRFEGGFQGRCNKLVDGCYSFWQAGLLPLLHRALHAQGD
PALSMSHWMFHQQALQEYILMCCQCPAGGLLDKPGKSRDFYHTCYCLSGLSIAQHFGSGAMLHDVVMGVPENVLQPTHPV
YNIGPDKVIQATTHFLQKPVPGFEECEDAVTSDPATD
;
B
#
# COMPACT_ATOMS: atom_id res chain seq x y z
N PHE A 55 -35.11 13.63 6.69
CA PHE A 55 -36.33 14.16 5.99
C PHE A 55 -36.46 13.61 4.58
N LEU A 56 -35.81 14.26 3.62
CA LEU A 56 -35.91 13.85 2.23
C LEU A 56 -34.67 13.08 1.77
N SER A 57 -34.79 11.75 1.70
CA SER A 57 -33.70 10.89 1.29
C SER A 57 -33.20 11.20 -0.12
N LEU A 58 -31.91 10.98 -0.35
CA LEU A 58 -31.27 11.29 -1.61
C LEU A 58 -31.77 10.35 -2.71
N ASP A 59 -32.25 9.17 -2.32
CA ASP A 59 -32.73 8.18 -3.29
C ASP A 59 -34.26 8.13 -3.36
N SER A 60 -34.90 8.98 -2.58
CA SER A 60 -36.36 9.08 -2.57
C SER A 60 -36.91 9.37 -3.96
N PRO A 61 -38.04 8.74 -4.32
CA PRO A 61 -38.66 9.05 -5.61
C PRO A 61 -39.17 10.49 -5.67
N THR A 62 -39.47 11.07 -4.51
CA THR A 62 -39.98 12.44 -4.45
C THR A 62 -38.90 13.47 -4.11
N TYR A 63 -37.63 13.07 -4.22
CA TYR A 63 -36.52 13.99 -3.97
C TYR A 63 -36.57 15.16 -4.92
N VAL A 64 -36.22 16.35 -4.41
CA VAL A 64 -36.26 17.59 -5.19
C VAL A 64 -34.94 18.35 -5.10
N LEU A 65 -34.45 18.87 -6.22
CA LEU A 65 -33.23 19.66 -6.22
C LEU A 65 -33.33 20.81 -5.22
N TYR A 66 -32.19 21.24 -4.68
CA TYR A 66 -32.17 22.34 -3.72
C TYR A 66 -32.59 23.68 -4.33
N ARG A 67 -32.27 23.87 -5.61
CA ARG A 67 -32.65 25.13 -6.26
C ARG A 67 -34.16 25.22 -6.49
N ASP A 68 -34.89 24.14 -6.19
CA ASP A 68 -36.34 24.14 -6.31
C ASP A 68 -37.02 24.05 -4.94
N ARG A 69 -36.25 24.28 -3.88
CA ARG A 69 -36.79 24.21 -2.53
C ARG A 69 -37.04 25.60 -1.94
N ALA A 70 -38.28 25.83 -1.50
CA ALA A 70 -38.69 27.13 -0.99
C ALA A 70 -37.83 27.60 0.19
N GLU A 71 -37.66 26.73 1.17
CA GLU A 71 -36.92 27.06 2.39
C GLU A 71 -35.43 27.38 2.15
N TRP A 72 -35.00 27.26 0.90
CA TRP A 72 -33.63 27.58 0.52
C TRP A 72 -33.60 28.78 -0.41
N ALA A 73 -34.75 29.41 -0.60
CA ALA A 73 -34.90 30.49 -1.58
C ALA A 73 -34.06 31.73 -1.29
N ASP A 74 -33.66 31.91 -0.03
CA ASP A 74 -32.88 33.09 0.36
C ASP A 74 -31.40 32.99 0.00
N ILE A 75 -30.91 31.77 -0.19
CA ILE A 75 -29.49 31.55 -0.42
C ILE A 75 -29.14 31.50 -1.91
N ASP A 76 -28.05 32.16 -2.28
CA ASP A 76 -27.50 32.06 -3.63
C ASP A 76 -26.47 30.93 -3.68
N PRO A 77 -26.63 30.01 -4.59
CA PRO A 77 -25.67 28.94 -4.71
C PRO A 77 -24.33 29.45 -5.18
N VAL A 78 -23.26 28.73 -4.86
CA VAL A 78 -21.90 29.15 -5.22
C VAL A 78 -21.22 28.13 -6.13
N PRO A 79 -21.18 28.42 -7.43
CA PRO A 79 -20.59 27.56 -8.46
C PRO A 79 -19.11 27.31 -8.22
N GLN A 80 -18.64 26.13 -8.60
CA GLN A 80 -17.24 25.79 -8.43
C GLN A 80 -16.33 26.62 -9.33
N ASN A 81 -15.22 27.08 -8.77
CA ASN A 81 -14.25 27.90 -9.51
C ASN A 81 -13.14 27.06 -10.11
N ASP A 82 -13.37 26.51 -11.30
CA ASP A 82 -12.40 25.63 -11.95
C ASP A 82 -11.45 26.38 -12.89
N GLY A 83 -11.67 27.69 -13.04
CA GLY A 83 -10.84 28.49 -13.92
C GLY A 83 -11.40 28.62 -15.33
N PRO A 84 -10.72 29.40 -16.20
CA PRO A 84 -11.14 29.62 -17.58
C PRO A 84 -10.94 28.41 -18.51
N SER A 85 -9.91 27.60 -18.25
CA SER A 85 -9.69 26.39 -19.05
C SER A 85 -9.27 25.22 -18.16
N PRO A 86 -10.27 24.48 -17.66
CA PRO A 86 -10.15 23.42 -16.65
C PRO A 86 -9.32 22.22 -17.08
N VAL A 87 -8.75 21.51 -16.10
CA VAL A 87 -8.14 20.20 -16.32
C VAL A 87 -8.82 19.19 -15.40
N VAL A 88 -8.66 17.91 -15.70
CA VAL A 88 -9.34 16.84 -14.95
C VAL A 88 -10.72 17.28 -14.45
N GLN A 89 -11.47 17.92 -15.34
CA GLN A 89 -12.79 18.42 -15.00
C GLN A 89 -13.82 17.31 -15.05
N ILE A 90 -14.56 17.15 -13.96
CA ILE A 90 -15.55 16.08 -13.86
C ILE A 90 -16.93 16.55 -14.29
N ILE A 91 -17.56 15.81 -15.20
CA ILE A 91 -18.90 16.15 -15.65
C ILE A 91 -19.93 15.67 -14.62
N TYR A 92 -20.14 16.46 -13.59
CA TYR A 92 -21.07 16.09 -12.52
C TYR A 92 -22.50 15.94 -13.03
N SER A 93 -23.26 15.08 -12.37
CA SER A 93 -24.68 14.97 -12.64
C SER A 93 -25.40 16.19 -12.07
N GLU A 94 -26.67 16.34 -12.40
CA GLU A 94 -27.48 17.44 -11.86
C GLU A 94 -27.56 17.40 -10.34
N LYS A 95 -27.90 16.24 -9.81
CA LYS A 95 -28.04 16.08 -8.36
C LYS A 95 -26.77 16.50 -7.64
N PHE A 96 -25.63 16.00 -8.12
CA PHE A 96 -24.35 16.24 -7.48
C PHE A 96 -24.00 17.73 -7.48
N ARG A 97 -24.02 18.34 -8.66
CA ARG A 97 -23.64 19.74 -8.80
C ARG A 97 -24.55 20.66 -8.00
N ASP A 98 -25.83 20.29 -7.92
CA ASP A 98 -26.81 21.06 -7.18
C ASP A 98 -26.53 21.05 -5.67
N VAL A 99 -26.30 19.87 -5.11
CA VAL A 99 -26.02 19.73 -3.68
C VAL A 99 -24.73 20.46 -3.29
N TYR A 100 -23.70 20.35 -4.11
CA TYR A 100 -22.41 20.94 -3.75
C TYR A 100 -22.32 22.44 -4.00
N ASP A 101 -23.13 22.94 -4.94
CA ASP A 101 -23.24 24.38 -5.16
C ASP A 101 -23.82 25.03 -3.90
N TYR A 102 -24.75 24.32 -3.27
CA TYR A 102 -25.39 24.85 -2.06
C TYR A 102 -24.51 24.62 -0.83
N PHE A 103 -23.73 23.54 -0.83
CA PHE A 103 -22.80 23.32 0.28
C PHE A 103 -21.74 24.41 0.30
N ARG A 104 -21.24 24.78 -0.88
CA ARG A 104 -20.23 25.84 -0.97
C ARG A 104 -20.78 27.14 -0.41
N ALA A 105 -22.08 27.37 -0.60
CA ALA A 105 -22.70 28.59 -0.09
C ALA A 105 -22.69 28.63 1.44
N VAL A 106 -23.11 27.54 2.08
CA VAL A 106 -23.18 27.52 3.54
C VAL A 106 -21.79 27.51 4.19
N LEU A 107 -20.85 26.83 3.55
CA LEU A 107 -19.48 26.79 4.05
C LEU A 107 -18.92 28.21 4.03
N GLN A 108 -19.13 28.88 2.91
CA GLN A 108 -18.59 30.22 2.69
C GLN A 108 -19.15 31.23 3.70
N ARG A 109 -20.43 31.11 4.02
CA ARG A 109 -21.09 31.99 4.98
C ARG A 109 -20.88 31.53 6.41
N ASP A 110 -20.30 30.34 6.57
CA ASP A 110 -20.21 29.72 7.89
C ASP A 110 -21.58 29.72 8.57
N GLU A 111 -22.61 29.34 7.83
CA GLU A 111 -23.96 29.24 8.39
C GLU A 111 -24.10 27.95 9.18
N ARG A 112 -24.31 28.08 10.48
CA ARG A 112 -24.39 26.92 11.36
C ARG A 112 -25.83 26.68 11.78
N SER A 113 -26.60 26.11 10.86
CA SER A 113 -28.04 25.95 11.04
C SER A 113 -28.48 24.51 10.87
N GLU A 114 -29.69 24.22 11.31
CA GLU A 114 -30.28 22.91 11.15
C GLU A 114 -30.33 22.50 9.69
N ARG A 115 -30.69 23.43 8.82
CA ARG A 115 -30.77 23.11 7.39
C ARG A 115 -29.41 22.79 6.77
N ALA A 116 -28.36 23.46 7.25
CA ALA A 116 -27.01 23.15 6.79
C ALA A 116 -26.62 21.75 7.25
N PHE A 117 -26.99 21.40 8.49
CA PHE A 117 -26.70 20.08 9.01
C PHE A 117 -27.27 18.99 8.10
N LYS A 118 -28.55 19.11 7.74
CA LYS A 118 -29.20 18.14 6.85
C LYS A 118 -28.55 18.09 5.47
N LEU A 119 -28.07 19.23 4.99
CA LEU A 119 -27.40 19.29 3.70
C LEU A 119 -26.10 18.47 3.66
N THR A 120 -25.37 18.43 4.78
CA THR A 120 -24.13 17.67 4.83
C THR A 120 -24.38 16.18 4.65
N ARG A 121 -25.53 15.71 5.10
CA ARG A 121 -25.88 14.30 4.92
C ARG A 121 -25.93 13.95 3.44
N ASP A 122 -26.53 14.84 2.64
CA ASP A 122 -26.65 14.61 1.20
C ASP A 122 -25.30 14.73 0.49
N ALA A 123 -24.48 15.68 0.93
CA ALA A 123 -23.17 15.86 0.34
C ALA A 123 -22.27 14.66 0.62
N ILE A 124 -22.38 14.11 1.82
CA ILE A 124 -21.62 12.92 2.19
C ILE A 124 -22.10 11.71 1.39
N GLU A 125 -23.41 11.58 1.25
CA GLU A 125 -24.01 10.50 0.47
C GLU A 125 -23.49 10.49 -0.97
N LEU A 126 -23.31 11.68 -1.55
CA LEU A 126 -22.83 11.80 -2.92
C LEU A 126 -21.33 11.47 -3.04
N ASN A 127 -20.57 11.83 -2.01
CA ASN A 127 -19.14 11.53 -1.97
C ASN A 127 -18.63 11.46 -0.53
N ALA A 128 -18.69 10.27 0.05
CA ALA A 128 -18.35 10.08 1.45
C ALA A 128 -16.86 10.30 1.73
N ALA A 129 -16.08 10.50 0.67
CA ALA A 129 -14.64 10.73 0.81
C ALA A 129 -14.30 12.22 0.90
N ASN A 130 -15.32 13.07 0.90
CA ASN A 130 -15.09 14.50 1.01
C ASN A 130 -14.86 14.95 2.46
N TYR A 131 -13.58 15.00 2.84
CA TYR A 131 -13.19 15.31 4.22
C TYR A 131 -13.58 16.73 4.65
N THR A 132 -13.63 17.67 3.71
CA THR A 132 -14.06 19.03 4.01
C THR A 132 -15.51 19.06 4.52
N VAL A 133 -16.39 18.30 3.87
CA VAL A 133 -17.78 18.22 4.32
C VAL A 133 -17.86 17.61 5.71
N TRP A 134 -17.10 16.54 5.94
CA TRP A 134 -17.05 15.89 7.24
C TRP A 134 -16.62 16.84 8.36
N HIS A 135 -15.64 17.70 8.07
CA HIS A 135 -15.15 18.65 9.05
C HIS A 135 -16.26 19.65 9.43
N PHE A 136 -16.93 20.20 8.43
CA PHE A 136 -18.03 21.11 8.68
C PHE A 136 -19.13 20.43 9.48
N ARG A 137 -19.45 19.18 9.16
CA ARG A 137 -20.47 18.45 9.90
C ARG A 137 -20.14 18.34 11.39
N ARG A 138 -18.88 18.10 11.71
CA ARG A 138 -18.49 18.00 13.11
C ARG A 138 -18.57 19.36 13.80
N VAL A 139 -18.31 20.43 13.07
CA VAL A 139 -18.52 21.78 13.60
C VAL A 139 -19.98 21.97 13.98
N LEU A 140 -20.88 21.55 13.10
CA LEU A 140 -22.32 21.69 13.34
C LEU A 140 -22.81 20.81 14.49
N LEU A 141 -22.21 19.62 14.64
CA LEU A 141 -22.60 18.75 15.73
C LEU A 141 -22.40 19.44 17.08
N ARG A 142 -21.24 20.05 17.27
CA ARG A 142 -20.93 20.73 18.52
C ARG A 142 -21.73 22.03 18.62
N SER A 143 -21.66 22.82 17.56
CA SER A 143 -22.29 24.13 17.53
C SER A 143 -23.81 24.10 17.77
N LEU A 144 -24.50 23.11 17.21
CA LEU A 144 -25.94 22.99 17.39
C LEU A 144 -26.31 22.10 18.57
N GLN A 145 -25.31 21.56 19.26
CA GLN A 145 -25.57 20.69 20.40
C GLN A 145 -26.42 19.49 19.99
N LYS A 146 -26.01 18.80 18.93
CA LYS A 146 -26.77 17.65 18.44
C LYS A 146 -26.57 16.43 19.32
N ASP A 147 -27.62 15.64 19.50
CA ASP A 147 -27.56 14.40 20.25
C ASP A 147 -26.59 13.41 19.58
N LEU A 148 -25.56 13.01 20.31
CA LEU A 148 -24.48 12.19 19.74
C LEU A 148 -24.81 10.69 19.56
N GLN A 149 -25.75 10.15 20.34
CA GLN A 149 -26.20 8.78 20.09
C GLN A 149 -27.00 8.68 18.80
N GLU A 150 -27.77 9.72 18.48
CA GLU A 150 -28.46 9.78 17.21
C GLU A 150 -27.43 9.77 16.07
N GLU A 151 -26.32 10.49 16.26
CA GLU A 151 -25.25 10.52 15.28
C GLU A 151 -24.52 9.17 15.21
N MET A 152 -24.42 8.47 16.32
CA MET A 152 -23.91 7.13 16.30
C MET A 152 -24.76 6.22 15.50
N ASN A 153 -26.06 6.33 15.64
CA ASN A 153 -26.98 5.54 14.83
C ASN A 153 -26.73 5.80 13.35
N TYR A 154 -26.54 7.08 13.01
CA TYR A 154 -26.29 7.47 11.64
C TYR A 154 -25.00 6.88 11.09
N ILE A 155 -23.90 7.03 11.82
CA ILE A 155 -22.60 6.61 11.31
C ILE A 155 -22.50 5.09 11.15
N ILE A 156 -23.17 4.34 12.02
CA ILE A 156 -23.10 2.89 11.90
C ILE A 156 -23.76 2.42 10.60
N ALA A 157 -24.83 3.09 10.19
CA ALA A 157 -25.51 2.76 8.93
C ALA A 157 -24.65 3.06 7.72
N ILE A 158 -23.97 4.22 7.73
CA ILE A 158 -23.07 4.57 6.64
C ILE A 158 -21.90 3.59 6.50
N ILE A 159 -21.29 3.21 7.61
CA ILE A 159 -20.19 2.25 7.58
C ILE A 159 -20.67 0.90 7.03
N GLU A 160 -21.86 0.47 7.45
CA GLU A 160 -22.43 -0.77 6.94
C GLU A 160 -22.41 -0.81 5.40
N GLU A 161 -22.76 0.32 4.77
CA GLU A 161 -22.86 0.34 3.31
C GLU A 161 -21.58 0.78 2.57
N GLN A 162 -20.68 1.47 3.26
CA GLN A 162 -19.38 1.85 2.66
C GLN A 162 -18.23 1.58 3.63
N PRO A 163 -17.96 0.30 3.91
CA PRO A 163 -17.01 -0.07 4.97
C PRO A 163 -15.55 0.17 4.62
N LYS A 164 -15.24 0.45 3.37
CA LYS A 164 -13.84 0.61 2.96
C LYS A 164 -13.54 2.08 2.67
N ASN A 165 -13.95 2.94 3.59
CA ASN A 165 -13.78 4.37 3.47
C ASN A 165 -13.09 4.90 4.72
N TYR A 166 -12.02 5.67 4.55
CA TYR A 166 -11.26 6.20 5.68
C TYR A 166 -12.09 7.11 6.56
N GLN A 167 -12.78 8.05 5.91
CA GLN A 167 -13.50 9.12 6.58
C GLN A 167 -14.53 8.63 7.61
N VAL A 168 -15.30 7.62 7.24
CA VAL A 168 -16.38 7.15 8.10
C VAL A 168 -15.89 6.54 9.41
N TRP A 169 -14.79 5.80 9.33
CA TRP A 169 -14.22 5.18 10.52
C TRP A 169 -13.65 6.25 11.45
N HIS A 170 -12.97 7.24 10.87
CA HIS A 170 -12.42 8.32 11.69
C HIS A 170 -13.52 9.09 12.39
N HIS A 171 -14.64 9.30 11.68
CA HIS A 171 -15.79 9.99 12.27
C HIS A 171 -16.35 9.21 13.46
N ARG A 172 -16.46 7.89 13.33
CA ARG A 172 -16.93 7.06 14.44
C ARG A 172 -16.02 7.20 15.66
N ARG A 173 -14.71 7.23 15.42
CA ARG A 173 -13.72 7.36 16.49
C ARG A 173 -13.90 8.66 17.28
N VAL A 174 -14.01 9.78 16.58
CA VAL A 174 -14.23 11.07 17.21
C VAL A 174 -15.48 11.04 18.09
N LEU A 175 -16.52 10.37 17.62
CA LEU A 175 -17.76 10.28 18.39
C LEU A 175 -17.53 9.51 19.68
N VAL A 176 -16.87 8.36 19.57
CA VAL A 176 -16.56 7.53 20.74
C VAL A 176 -15.68 8.30 21.72
N GLU A 177 -14.73 9.08 21.19
CA GLU A 177 -13.89 9.93 22.02
C GLU A 177 -14.73 10.95 22.78
N TRP A 178 -15.62 11.62 22.06
CA TRP A 178 -16.45 12.66 22.67
C TRP A 178 -17.32 12.09 23.78
N LEU A 179 -17.93 10.94 23.51
CA LEU A 179 -18.87 10.33 24.45
C LEU A 179 -18.16 9.52 25.52
N LYS A 180 -16.91 9.16 25.26
CA LYS A 180 -16.14 8.30 26.15
C LYS A 180 -16.89 7.01 26.43
N ASP A 181 -17.49 6.45 25.38
CA ASP A 181 -18.30 5.24 25.52
C ASP A 181 -18.00 4.22 24.42
N PRO A 182 -17.36 3.11 24.80
CA PRO A 182 -16.99 2.06 23.87
C PRO A 182 -17.92 0.85 23.96
N SER A 183 -19.06 1.03 24.62
CA SER A 183 -19.94 -0.09 24.95
C SER A 183 -20.61 -0.76 23.75
N GLN A 184 -20.58 -0.11 22.58
CA GLN A 184 -21.20 -0.68 21.39
C GLN A 184 -20.18 -1.20 20.38
N GLU A 185 -18.90 -0.93 20.62
CA GLU A 185 -17.88 -1.06 19.57
C GLU A 185 -17.52 -2.47 19.13
N LEU A 186 -17.21 -3.34 20.08
CA LEU A 186 -16.77 -4.68 19.76
C LEU A 186 -17.84 -5.46 18.98
N GLU A 187 -19.08 -5.26 19.38
CA GLU A 187 -20.21 -5.92 18.74
C GLU A 187 -20.45 -5.35 17.33
N PHE A 188 -20.40 -4.04 17.20
CA PHE A 188 -20.55 -3.43 15.88
C PHE A 188 -19.47 -3.91 14.93
N ILE A 189 -18.22 -3.83 15.37
CA ILE A 189 -17.10 -4.28 14.54
C ILE A 189 -17.24 -5.74 14.14
N ALA A 190 -17.64 -6.58 15.09
CA ALA A 190 -17.90 -7.99 14.81
C ALA A 190 -18.85 -8.18 13.64
N ASP A 191 -19.87 -7.32 13.56
CA ASP A 191 -20.82 -7.41 12.46
C ASP A 191 -20.18 -7.08 11.12
N ILE A 192 -19.32 -6.06 11.10
CA ILE A 192 -18.61 -5.71 9.88
C ILE A 192 -17.69 -6.85 9.46
N LEU A 193 -17.01 -7.45 10.43
CA LEU A 193 -16.07 -8.53 10.17
C LEU A 193 -16.79 -9.80 9.74
N ASN A 194 -18.07 -9.89 10.08
CA ASN A 194 -18.88 -11.01 9.64
C ASN A 194 -19.18 -10.96 8.13
N GLN A 195 -19.09 -9.77 7.55
CA GLN A 195 -19.31 -9.61 6.11
C GLN A 195 -17.98 -9.59 5.35
N ASP A 196 -16.95 -9.02 5.98
CA ASP A 196 -15.60 -9.05 5.42
C ASP A 196 -14.58 -9.20 6.55
N ALA A 197 -14.12 -10.43 6.76
CA ALA A 197 -13.31 -10.78 7.93
C ALA A 197 -11.90 -10.20 7.88
N LYS A 198 -11.59 -9.46 6.82
CA LYS A 198 -10.25 -8.93 6.64
C LYS A 198 -10.23 -7.40 6.47
N ASN A 199 -11.36 -6.75 6.69
CA ASN A 199 -11.44 -5.29 6.53
C ASN A 199 -10.41 -4.56 7.37
N TYR A 200 -9.47 -3.91 6.69
CA TYR A 200 -8.35 -3.25 7.36
C TYR A 200 -8.77 -2.16 8.34
N HIS A 201 -9.72 -1.32 7.96
CA HIS A 201 -10.19 -0.25 8.83
C HIS A 201 -10.87 -0.83 10.07
N ALA A 202 -11.63 -1.90 9.87
CA ALA A 202 -12.30 -2.58 10.97
C ALA A 202 -11.32 -3.08 12.03
N TRP A 203 -10.29 -3.81 11.60
CA TRP A 203 -9.31 -4.33 12.55
C TRP A 203 -8.55 -3.20 13.25
N GLN A 204 -8.25 -2.13 12.52
CA GLN A 204 -7.56 -0.99 13.11
C GLN A 204 -8.42 -0.33 14.19
N HIS A 205 -9.71 -0.18 13.91
CA HIS A 205 -10.61 0.41 14.89
C HIS A 205 -10.69 -0.49 16.12
N ARG A 206 -10.74 -1.80 15.89
CA ARG A 206 -10.81 -2.76 16.99
C ARG A 206 -9.58 -2.66 17.90
N GLN A 207 -8.40 -2.55 17.31
CA GLN A 207 -7.19 -2.43 18.11
C GLN A 207 -7.20 -1.13 18.93
N TRP A 208 -7.63 -0.04 18.30
CA TRP A 208 -7.67 1.24 19.01
C TRP A 208 -8.61 1.17 20.22
N VAL A 209 -9.81 0.64 20.01
CA VAL A 209 -10.81 0.54 21.07
C VAL A 209 -10.34 -0.30 22.26
N ILE A 210 -9.78 -1.48 21.95
CA ILE A 210 -9.31 -2.40 22.97
C ILE A 210 -8.16 -1.79 23.78
N GLN A 211 -7.26 -1.12 23.08
CA GLN A 211 -6.09 -0.53 23.73
C GLN A 211 -6.44 0.68 24.60
N GLU A 212 -7.22 1.60 24.05
CA GLU A 212 -7.56 2.83 24.76
C GLU A 212 -8.46 2.60 25.98
N PHE A 213 -9.35 1.62 25.90
CA PHE A 213 -10.30 1.35 26.97
C PHE A 213 -10.00 0.08 27.76
N ARG A 214 -8.86 -0.53 27.46
CA ARG A 214 -8.43 -1.74 28.17
C ARG A 214 -9.53 -2.81 28.16
N LEU A 215 -9.90 -3.27 26.97
CA LEU A 215 -10.92 -4.32 26.84
C LEU A 215 -10.30 -5.60 26.30
N TRP A 216 -9.36 -6.17 27.05
CA TRP A 216 -8.57 -7.32 26.60
C TRP A 216 -9.19 -8.68 26.91
N ASP A 217 -10.04 -8.74 27.93
CA ASP A 217 -10.44 -10.01 28.54
C ASP A 217 -11.12 -11.05 27.63
N ASN A 218 -11.77 -10.62 26.56
CA ASN A 218 -12.50 -11.57 25.71
C ASN A 218 -11.98 -11.74 24.27
N GLU A 219 -10.93 -11.00 23.91
CA GLU A 219 -10.48 -10.97 22.52
C GLU A 219 -9.84 -12.27 22.05
N LEU A 220 -9.10 -12.93 22.92
CA LEU A 220 -8.46 -14.20 22.57
C LEU A 220 -9.52 -15.23 22.20
N GLN A 221 -10.63 -15.22 22.93
CA GLN A 221 -11.75 -16.10 22.64
C GLN A 221 -12.28 -15.78 21.24
N TYR A 222 -12.44 -14.50 20.95
CA TYR A 222 -12.88 -14.04 19.63
C TYR A 222 -11.91 -14.49 18.53
N VAL A 223 -10.61 -14.36 18.79
CA VAL A 223 -9.60 -14.80 17.83
C VAL A 223 -9.74 -16.29 17.51
N ASP A 224 -9.90 -17.10 18.55
CA ASP A 224 -10.01 -18.55 18.38
C ASP A 224 -11.21 -18.93 17.54
N GLN A 225 -12.29 -18.18 17.71
CA GLN A 225 -13.51 -18.39 16.94
C GLN A 225 -13.27 -18.15 15.44
N LEU A 226 -12.63 -17.03 15.11
CA LEU A 226 -12.37 -16.70 13.72
C LEU A 226 -11.35 -17.63 13.06
N LEU A 227 -10.37 -18.09 13.84
CA LEU A 227 -9.39 -19.04 13.32
C LEU A 227 -10.08 -20.36 12.94
N LYS A 228 -11.13 -20.71 13.68
CA LYS A 228 -11.94 -21.88 13.36
C LYS A 228 -12.61 -21.74 11.99
N GLU A 229 -13.25 -20.60 11.77
CA GLU A 229 -13.93 -20.36 10.50
C GLU A 229 -12.97 -20.31 9.32
N ASP A 230 -11.80 -19.68 9.51
CA ASP A 230 -10.81 -19.60 8.44
C ASP A 230 -9.39 -19.48 9.01
N VAL A 231 -8.71 -20.62 9.11
CA VAL A 231 -7.38 -20.66 9.70
C VAL A 231 -6.35 -19.95 8.82
N ARG A 232 -6.79 -19.56 7.62
CA ARG A 232 -5.92 -18.85 6.68
C ARG A 232 -6.04 -17.34 6.80
N ASN A 233 -6.81 -16.85 7.78
CA ASN A 233 -7.04 -15.41 7.91
C ASN A 233 -5.87 -14.70 8.60
N ASN A 234 -4.98 -14.10 7.80
CA ASN A 234 -3.80 -13.44 8.33
C ASN A 234 -4.12 -12.30 9.29
N SER A 235 -5.25 -11.63 9.08
CA SER A 235 -5.66 -10.56 9.98
C SER A 235 -5.85 -11.09 11.40
N VAL A 236 -6.39 -12.30 11.49
CA VAL A 236 -6.67 -12.92 12.79
C VAL A 236 -5.40 -13.37 13.50
N TRP A 237 -4.45 -13.92 12.74
CA TRP A 237 -3.15 -14.27 13.30
C TRP A 237 -2.44 -13.03 13.83
N ASN A 238 -2.61 -11.90 13.13
CA ASN A 238 -2.06 -10.64 13.61
C ASN A 238 -2.72 -10.22 14.92
N GLN A 239 -4.03 -10.37 15.00
CA GLN A 239 -4.78 -9.98 16.20
C GLN A 239 -4.37 -10.87 17.38
N ARG A 240 -4.04 -12.13 17.10
CA ARG A 240 -3.61 -13.05 18.13
C ARG A 240 -2.30 -12.58 18.75
N HIS A 241 -1.35 -12.21 17.89
CA HIS A 241 -0.07 -11.69 18.37
C HIS A 241 -0.29 -10.41 19.14
N PHE A 242 -1.22 -9.58 18.65
CA PHE A 242 -1.52 -8.30 19.27
C PHE A 242 -2.03 -8.46 20.69
N VAL A 243 -2.95 -9.39 20.89
CA VAL A 243 -3.51 -9.64 22.21
C VAL A 243 -2.48 -10.19 23.20
N ILE A 244 -1.74 -11.20 22.79
CA ILE A 244 -0.79 -11.85 23.67
C ILE A 244 0.34 -10.89 24.06
N SER A 245 0.84 -10.13 23.09
CA SER A 245 1.92 -9.16 23.35
C SER A 245 1.55 -8.18 24.45
N ASN A 246 0.28 -7.83 24.54
CA ASN A 246 -0.15 -6.78 25.45
C ASN A 246 -0.79 -7.31 26.73
N THR A 247 -0.76 -8.62 26.91
CA THR A 247 -1.28 -9.24 28.12
C THR A 247 -0.17 -10.01 28.85
N THR A 248 -0.04 -11.29 28.57
CA THR A 248 0.97 -12.12 29.22
C THR A 248 2.36 -11.93 28.62
N GLY A 249 2.43 -11.68 27.32
CA GLY A 249 3.72 -11.58 26.64
C GLY A 249 4.16 -12.97 26.23
N TYR A 250 5.31 -13.06 25.56
CA TYR A 250 5.81 -14.34 25.05
C TYR A 250 7.01 -14.86 25.83
N SER A 251 7.36 -14.20 26.93
CA SER A 251 8.47 -14.66 27.76
C SER A 251 8.03 -15.79 28.71
N ASP A 252 6.78 -15.73 29.14
CA ASP A 252 6.20 -16.82 29.92
C ASP A 252 6.30 -18.12 29.12
N ARG A 253 7.16 -19.03 29.61
CA ARG A 253 7.41 -20.29 28.91
C ARG A 253 6.15 -21.12 28.69
N ALA A 254 5.27 -21.15 29.69
CA ALA A 254 4.01 -21.86 29.53
C ALA A 254 3.26 -21.32 28.32
N VAL A 255 3.19 -20.00 28.19
CA VAL A 255 2.49 -19.36 27.07
C VAL A 255 3.15 -19.67 25.73
N LEU A 256 4.45 -19.40 25.62
CA LEU A 256 5.18 -19.69 24.39
C LEU A 256 4.99 -21.16 24.00
N GLU A 257 5.10 -22.04 24.98
CA GLU A 257 4.95 -23.47 24.75
C GLU A 257 3.59 -23.77 24.13
N ARG A 258 2.55 -23.23 24.76
CA ARG A 258 1.18 -23.39 24.28
C ARG A 258 1.06 -22.93 22.83
N GLU A 259 1.61 -21.76 22.55
CA GLU A 259 1.48 -21.15 21.23
C GLU A 259 2.12 -21.96 20.12
N VAL A 260 3.28 -22.54 20.41
CA VAL A 260 3.99 -23.33 19.41
C VAL A 260 3.28 -24.64 19.12
N GLN A 261 2.80 -25.31 20.17
CA GLN A 261 2.07 -26.57 19.99
C GLN A 261 0.87 -26.34 19.06
N TYR A 262 0.08 -25.32 19.39
CA TYR A 262 -1.10 -24.98 18.61
C TYR A 262 -0.77 -24.76 17.13
N THR A 263 0.27 -23.95 16.90
CA THR A 263 0.68 -23.62 15.55
C THR A 263 1.10 -24.86 14.76
N LEU A 264 2.02 -25.64 15.34
CA LEU A 264 2.44 -26.90 14.73
C LEU A 264 1.22 -27.77 14.46
N GLU A 265 0.33 -27.86 15.44
CA GLU A 265 -0.94 -28.50 15.19
C GLU A 265 -1.41 -28.02 13.83
N MET A 266 -1.92 -26.80 13.79
CA MET A 266 -2.51 -26.21 12.58
C MET A 266 -1.69 -26.45 11.32
N ILE A 267 -0.38 -26.37 11.43
CA ILE A 267 0.49 -26.67 10.29
C ILE A 267 0.28 -28.11 9.82
N LYS A 268 0.12 -29.02 10.77
CA LYS A 268 -0.12 -30.42 10.45
C LYS A 268 -1.44 -30.59 9.70
N LEU A 269 -2.46 -29.85 10.13
CA LEU A 269 -3.76 -29.91 9.49
C LEU A 269 -3.75 -29.28 8.10
N VAL A 270 -2.98 -28.20 7.92
CA VAL A 270 -2.95 -27.47 6.65
C VAL A 270 -1.53 -27.02 6.29
N PRO A 271 -0.66 -27.97 5.92
CA PRO A 271 0.77 -27.76 5.68
C PRO A 271 1.11 -26.59 4.75
N HIS A 272 0.20 -26.23 3.85
CA HIS A 272 0.50 -25.18 2.87
C HIS A 272 -0.02 -23.79 3.25
N ASN A 273 -0.62 -23.66 4.44
CA ASN A 273 -1.09 -22.37 4.93
C ASN A 273 0.04 -21.50 5.47
N GLU A 274 0.40 -20.47 4.71
CA GLU A 274 1.58 -19.67 5.03
C GLU A 274 1.48 -18.86 6.32
N SER A 275 0.26 -18.50 6.72
CA SER A 275 0.08 -17.70 7.92
C SER A 275 0.65 -18.37 9.17
N ALA A 276 0.32 -19.64 9.34
CA ALA A 276 0.80 -20.41 10.49
C ALA A 276 2.32 -20.43 10.54
N TRP A 277 2.93 -20.67 9.38
CA TRP A 277 4.38 -20.68 9.27
C TRP A 277 5.01 -19.36 9.67
N ASN A 278 4.43 -18.25 9.20
CA ASN A 278 4.96 -16.94 9.53
C ASN A 278 4.82 -16.60 11.01
N TYR A 279 3.71 -17.02 11.62
CA TYR A 279 3.49 -16.83 13.03
C TYR A 279 4.52 -17.59 13.88
N LEU A 280 4.70 -18.86 13.57
CA LEU A 280 5.69 -19.70 14.26
C LEU A 280 7.09 -19.07 14.19
N LYS A 281 7.46 -18.61 13.01
CA LYS A 281 8.73 -17.95 12.81
C LYS A 281 8.81 -16.64 13.59
N GLY A 282 7.73 -15.88 13.56
CA GLY A 282 7.69 -14.58 14.22
C GLY A 282 7.85 -14.63 15.73
N ILE A 283 7.30 -15.67 16.36
CA ILE A 283 7.33 -15.76 17.82
C ILE A 283 8.60 -16.42 18.37
N LEU A 284 9.44 -16.93 17.48
CA LEU A 284 10.68 -17.60 17.90
C LEU A 284 11.94 -16.88 17.45
N GLN A 285 11.80 -15.96 16.50
CA GLN A 285 12.97 -15.38 15.84
C GLN A 285 13.71 -14.31 16.65
N ASP A 286 13.04 -13.69 17.61
CA ASP A 286 13.67 -12.64 18.41
C ASP A 286 14.73 -13.21 19.35
N ARG A 287 14.37 -14.26 20.08
CA ARG A 287 15.33 -14.94 20.95
C ARG A 287 16.38 -15.67 20.12
N GLY A 288 15.99 -16.12 18.94
CA GLY A 288 16.89 -16.84 18.05
C GLY A 288 16.46 -18.29 17.86
N LEU A 289 16.29 -18.69 16.60
CA LEU A 289 15.84 -20.04 16.28
C LEU A 289 16.75 -21.13 16.84
N SER A 290 18.06 -20.90 16.81
CA SER A 290 19.03 -21.87 17.30
C SER A 290 18.93 -22.12 18.80
N ARG A 291 18.21 -21.25 19.50
CA ARG A 291 18.00 -21.38 20.93
C ARG A 291 17.10 -22.58 21.22
N TYR A 292 16.42 -23.05 20.19
CA TYR A 292 15.49 -24.17 20.34
C TYR A 292 15.94 -25.38 19.53
N PRO A 293 16.79 -26.22 20.13
CA PRO A 293 17.45 -27.35 19.47
C PRO A 293 16.51 -28.47 19.00
N ASN A 294 15.39 -28.66 19.70
CA ASN A 294 14.43 -29.69 19.31
C ASN A 294 13.63 -29.34 18.06
N LEU A 295 13.57 -28.05 17.75
CA LEU A 295 12.80 -27.55 16.63
C LEU A 295 13.21 -28.21 15.32
N LEU A 296 14.51 -28.22 15.05
CA LEU A 296 15.07 -28.75 13.82
C LEU A 296 14.59 -30.18 13.52
N ASN A 297 14.89 -31.11 14.41
CA ASN A 297 14.52 -32.49 14.21
C ASN A 297 13.03 -32.68 13.98
N GLN A 298 12.22 -31.93 14.72
CA GLN A 298 10.78 -32.07 14.63
C GLN A 298 10.23 -31.61 13.29
N LEU A 299 10.87 -30.63 12.68
CA LEU A 299 10.48 -30.17 11.36
C LEU A 299 10.91 -31.18 10.30
N LEU A 300 12.14 -31.65 10.43
CA LEU A 300 12.65 -32.68 9.52
C LEU A 300 11.72 -33.89 9.52
N ASP A 301 11.05 -34.12 10.64
CA ASP A 301 10.14 -35.26 10.79
C ASP A 301 8.80 -35.04 10.08
N LEU A 302 8.62 -33.88 9.46
CA LEU A 302 7.41 -33.60 8.71
C LEU A 302 7.70 -33.63 7.22
N GLN A 303 8.98 -33.67 6.87
CA GLN A 303 9.40 -33.76 5.47
C GLN A 303 8.60 -34.79 4.67
N PRO A 304 8.53 -36.04 5.18
CA PRO A 304 7.83 -37.09 4.44
C PRO A 304 6.44 -36.68 3.96
N SER A 305 5.50 -36.51 4.88
CA SER A 305 4.09 -36.32 4.51
C SER A 305 3.50 -34.95 4.83
N HIS A 306 4.35 -33.94 5.02
CA HIS A 306 3.88 -32.59 5.30
C HIS A 306 4.78 -31.54 4.66
N SER A 307 5.44 -31.90 3.56
CA SER A 307 6.43 -31.03 2.94
C SER A 307 5.81 -29.81 2.24
N SER A 308 6.61 -28.77 2.09
CA SER A 308 6.19 -27.55 1.44
C SER A 308 7.42 -26.67 1.22
N PRO A 309 7.35 -25.73 0.27
CA PRO A 309 8.46 -24.79 0.15
C PRO A 309 8.61 -23.97 1.43
N TYR A 310 7.54 -23.92 2.22
CA TYR A 310 7.55 -23.20 3.48
C TYR A 310 8.41 -23.91 4.51
N LEU A 311 8.24 -25.22 4.62
CA LEU A 311 9.03 -26.03 5.54
C LEU A 311 10.51 -25.97 5.16
N ILE A 312 10.79 -26.02 3.87
CA ILE A 312 12.16 -25.96 3.39
C ILE A 312 12.81 -24.64 3.77
N ALA A 313 12.06 -23.55 3.59
CA ALA A 313 12.55 -22.22 3.86
C ALA A 313 12.88 -22.03 5.34
N PHE A 314 12.03 -22.61 6.20
CA PHE A 314 12.24 -22.55 7.64
C PHE A 314 13.56 -23.22 8.01
N LEU A 315 13.78 -24.41 7.43
CA LEU A 315 15.03 -25.13 7.66
C LEU A 315 16.23 -24.23 7.40
N VAL A 316 16.20 -23.51 6.29
CA VAL A 316 17.28 -22.59 5.94
C VAL A 316 17.46 -21.50 7.00
N ASP A 317 16.35 -21.08 7.61
CA ASP A 317 16.41 -20.04 8.63
C ASP A 317 17.07 -20.56 9.89
N ILE A 318 16.75 -21.81 10.25
CA ILE A 318 17.37 -22.47 11.40
C ILE A 318 18.88 -22.61 11.20
N TYR A 319 19.30 -23.11 10.03
CA TYR A 319 20.71 -23.25 9.74
C TYR A 319 21.41 -21.91 9.78
N GLU A 320 20.76 -20.89 9.21
CA GLU A 320 21.33 -19.56 9.17
C GLU A 320 21.66 -19.07 10.59
N ASP A 321 20.71 -19.18 11.50
CA ASP A 321 20.92 -18.75 12.87
C ASP A 321 21.99 -19.61 13.55
N MET A 322 21.95 -20.91 13.30
CA MET A 322 22.94 -21.83 13.86
C MET A 322 24.35 -21.38 13.48
N LEU A 323 24.56 -21.05 12.22
CA LEU A 323 25.86 -20.61 11.74
C LEU A 323 26.27 -19.27 12.36
N GLU A 324 25.30 -18.51 12.83
CA GLU A 324 25.57 -17.20 13.40
C GLU A 324 25.99 -17.33 14.86
N ASN A 325 25.47 -18.33 15.55
CA ASN A 325 25.81 -18.58 16.95
C ASN A 325 26.84 -19.69 17.10
N GLN A 326 27.80 -19.73 16.18
CA GLN A 326 28.90 -20.70 16.19
C GLN A 326 28.51 -22.08 16.74
N CYS A 327 27.83 -22.87 15.91
CA CYS A 327 27.39 -24.20 16.31
C CYS A 327 28.41 -25.26 15.93
N ASP A 328 28.13 -26.51 16.32
CA ASP A 328 28.98 -27.64 15.97
C ASP A 328 28.86 -27.94 14.48
N ASN A 329 29.92 -28.52 13.90
CA ASN A 329 29.89 -28.90 12.50
C ASN A 329 29.66 -27.71 11.58
N LYS A 330 30.40 -26.64 11.81
CA LYS A 330 30.25 -25.42 11.03
C LYS A 330 30.01 -25.76 9.56
N GLU A 331 30.90 -26.55 8.99
CA GLU A 331 30.88 -26.79 7.54
C GLU A 331 29.73 -27.69 7.08
N ASP A 332 29.44 -28.73 7.86
CA ASP A 332 28.36 -29.65 7.50
C ASP A 332 27.03 -28.91 7.37
N ILE A 333 26.79 -27.98 8.29
CA ILE A 333 25.56 -27.19 8.30
C ILE A 333 25.48 -26.29 7.06
N LEU A 334 26.58 -25.65 6.72
CA LEU A 334 26.65 -24.77 5.56
C LEU A 334 26.14 -25.46 4.30
N ASN A 335 26.78 -26.57 3.95
CA ASN A 335 26.43 -27.30 2.73
C ASN A 335 24.97 -27.77 2.70
N LYS A 336 24.45 -28.14 3.87
CA LYS A 336 23.04 -28.50 3.98
C LYS A 336 22.18 -27.33 3.51
N ALA A 337 22.54 -26.13 3.93
CA ALA A 337 21.79 -24.92 3.61
C ALA A 337 21.87 -24.56 2.13
N LEU A 338 23.08 -24.64 1.57
CA LEU A 338 23.28 -24.31 0.16
C LEU A 338 22.56 -25.32 -0.73
N GLU A 339 22.46 -26.55 -0.24
CA GLU A 339 21.72 -27.59 -0.95
C GLU A 339 20.26 -27.17 -1.06
N LEU A 340 19.70 -26.68 0.04
CA LEU A 340 18.31 -26.27 0.08
C LEU A 340 18.08 -24.98 -0.73
N CYS A 341 19.00 -24.03 -0.61
CA CYS A 341 18.90 -22.78 -1.35
C CYS A 341 18.85 -23.03 -2.85
N GLU A 342 19.50 -24.10 -3.29
CA GLU A 342 19.54 -24.47 -4.70
C GLU A 342 18.22 -25.12 -5.11
N ILE A 343 17.78 -26.10 -4.31
CA ILE A 343 16.50 -26.77 -4.57
C ILE A 343 15.36 -25.77 -4.73
N LEU A 344 15.35 -24.75 -3.86
CA LEU A 344 14.31 -23.73 -3.88
C LEU A 344 14.39 -22.85 -5.13
N ALA A 345 15.61 -22.42 -5.47
CA ALA A 345 15.80 -21.51 -6.60
C ALA A 345 15.64 -22.19 -7.96
N LYS A 346 15.85 -23.49 -8.01
CA LYS A 346 15.83 -24.21 -9.28
C LYS A 346 14.57 -25.03 -9.49
N GLU A 347 13.91 -25.41 -8.40
CA GLU A 347 12.78 -26.31 -8.51
C GLU A 347 11.57 -25.96 -7.63
N LYS A 348 11.80 -25.82 -6.33
CA LYS A 348 10.72 -25.81 -5.35
C LYS A 348 10.04 -24.46 -5.15
N ASP A 349 10.73 -23.39 -5.55
CA ASP A 349 10.23 -22.04 -5.31
C ASP A 349 10.95 -21.06 -6.23
N THR A 350 10.83 -21.29 -7.54
CA THR A 350 11.60 -20.53 -8.52
C THR A 350 11.19 -19.06 -8.64
N ILE A 351 9.97 -18.74 -8.23
CA ILE A 351 9.50 -17.36 -8.27
C ILE A 351 10.44 -16.46 -7.47
N ARG A 352 11.11 -17.05 -6.47
CA ARG A 352 12.02 -16.32 -5.60
C ARG A 352 13.48 -16.67 -5.86
N LYS A 353 13.78 -17.14 -7.07
CA LYS A 353 15.13 -17.56 -7.41
C LYS A 353 16.18 -16.50 -7.08
N GLU A 354 15.87 -15.23 -7.32
CA GLU A 354 16.81 -14.15 -7.03
C GLU A 354 17.04 -13.98 -5.53
N TYR A 355 16.03 -14.28 -4.73
CA TYR A 355 16.16 -14.16 -3.29
C TYR A 355 17.00 -15.31 -2.73
N TRP A 356 16.68 -16.52 -3.16
CA TRP A 356 17.37 -17.70 -2.64
C TRP A 356 18.83 -17.77 -3.08
N ARG A 357 19.13 -17.29 -4.29
CA ARG A 357 20.51 -17.22 -4.72
C ARG A 357 21.29 -16.23 -3.87
N TYR A 358 20.63 -15.14 -3.49
CA TYR A 358 21.24 -14.13 -2.64
C TYR A 358 21.57 -14.69 -1.25
N ILE A 359 20.64 -15.47 -0.68
CA ILE A 359 20.86 -16.07 0.63
C ILE A 359 22.05 -17.02 0.56
N GLY A 360 22.01 -17.96 -0.37
CA GLY A 360 23.10 -18.91 -0.56
C GLY A 360 24.44 -18.23 -0.75
N ARG A 361 24.43 -17.08 -1.43
CA ARG A 361 25.64 -16.32 -1.69
C ARG A 361 26.12 -15.63 -0.40
N SER A 362 25.18 -15.17 0.41
CA SER A 362 25.48 -14.54 1.70
C SER A 362 26.10 -15.51 2.69
N LEU A 363 25.51 -16.70 2.78
CA LEU A 363 25.99 -17.73 3.69
C LEU A 363 27.42 -18.13 3.34
N GLN A 364 27.70 -18.26 2.05
CA GLN A 364 29.04 -18.56 1.57
C GLN A 364 30.00 -17.44 1.96
N SER A 365 29.58 -16.21 1.73
CA SER A 365 30.42 -15.05 1.98
C SER A 365 30.92 -14.94 3.41
N LYS A 366 30.21 -15.53 4.37
CA LYS A 366 30.56 -15.35 5.78
C LYS A 366 30.67 -16.61 6.64
N HIS A 367 30.41 -17.78 6.06
CA HIS A 367 30.46 -19.01 6.85
C HIS A 367 31.30 -20.14 6.24
N SER A 368 31.87 -19.89 5.07
CA SER A 368 32.77 -20.88 4.46
C SER A 368 34.05 -21.01 5.28
N ARG A 369 34.66 -22.19 5.26
CA ARG A 369 35.86 -22.42 6.04
C ARG A 369 36.98 -21.44 5.67
N GLU A 370 36.87 -20.86 4.48
CA GLU A 370 37.86 -19.89 3.99
C GLU A 370 37.50 -18.44 4.36
N SER A 371 36.33 -18.26 4.95
CA SER A 371 35.80 -16.93 5.28
C SER A 371 36.72 -16.08 6.14
N ASP A 372 37.41 -16.71 7.10
CA ASP A 372 38.30 -15.98 8.00
C ASP A 372 39.77 -16.18 7.65
N ILE A 373 40.02 -16.98 6.62
CA ILE A 373 41.39 -17.28 6.19
C ILE A 373 41.96 -16.14 5.33
N PRO A 374 43.09 -15.56 5.78
CA PRO A 374 43.76 -14.48 5.05
C PRO A 374 44.12 -14.85 3.62
N ALA A 375 44.16 -13.86 2.74
CA ALA A 375 44.43 -14.08 1.31
C ALA A 375 45.80 -14.70 1.05
N SER A 376 46.75 -14.47 1.96
CA SER A 376 48.12 -14.98 1.80
C SER A 376 48.24 -16.48 2.06
N VAL A 377 47.37 -17.02 2.90
CA VAL A 377 47.41 -18.44 3.26
C VAL A 377 47.21 -19.33 2.04
N PRO B 17 16.30 -23.87 -28.10
CA PRO B 17 15.62 -25.01 -28.72
C PRO B 17 14.23 -24.62 -29.23
N VAL B 18 13.69 -25.43 -30.14
CA VAL B 18 12.38 -25.17 -30.73
C VAL B 18 11.24 -25.50 -29.76
N TRP B 19 11.45 -26.49 -28.90
CA TRP B 19 10.45 -26.91 -27.93
C TRP B 19 10.39 -26.00 -26.70
N SER B 20 11.38 -25.12 -26.55
CA SER B 20 11.48 -24.27 -25.36
C SER B 20 10.56 -23.05 -25.42
N GLU B 21 9.61 -22.98 -24.50
CA GLU B 21 8.70 -21.83 -24.39
C GLU B 21 9.42 -20.66 -23.72
N PRO B 22 9.54 -19.53 -24.44
CA PRO B 22 10.25 -18.37 -23.91
C PRO B 22 9.48 -17.62 -22.81
N LEU B 23 8.19 -17.88 -22.71
CA LEU B 23 7.37 -17.21 -21.69
C LEU B 23 7.21 -18.07 -20.44
N TYR B 24 7.58 -17.48 -19.30
CA TYR B 24 7.63 -18.17 -18.01
C TYR B 24 6.26 -18.69 -17.56
N SER B 25 5.20 -17.93 -17.81
CA SER B 25 3.87 -18.31 -17.34
C SER B 25 3.26 -19.45 -18.16
N LEU B 26 3.81 -19.70 -19.34
CA LEU B 26 3.21 -20.66 -20.27
C LEU B 26 3.91 -22.02 -20.28
N ARG B 27 5.03 -22.14 -19.58
CA ARG B 27 5.76 -23.40 -19.54
C ARG B 27 4.95 -24.46 -18.80
N PRO B 28 5.16 -25.75 -19.15
CA PRO B 28 4.41 -26.85 -18.56
C PRO B 28 4.64 -27.01 -17.06
N GLU B 29 5.85 -26.73 -16.60
CA GLU B 29 6.16 -26.83 -15.17
C GLU B 29 5.29 -25.86 -14.40
N HIS B 30 4.95 -24.75 -15.04
CA HIS B 30 4.17 -23.70 -14.38
C HIS B 30 2.89 -24.24 -13.76
N ALA B 31 2.34 -25.30 -14.35
CA ALA B 31 1.09 -25.88 -13.87
C ALA B 31 1.23 -26.37 -12.43
N ARG B 32 2.45 -26.68 -12.03
CA ARG B 32 2.73 -27.15 -10.67
C ARG B 32 2.61 -26.02 -9.64
N GLU B 33 2.58 -24.78 -10.12
CA GLU B 33 2.48 -23.61 -9.24
C GLU B 33 1.06 -23.30 -8.78
N ARG B 34 0.08 -24.11 -9.19
CA ARG B 34 -1.31 -23.89 -8.77
C ARG B 34 -1.48 -24.12 -7.27
N LEU B 35 -2.53 -23.55 -6.70
CA LEU B 35 -2.79 -23.64 -5.27
C LEU B 35 -2.97 -25.08 -4.80
N GLN B 36 -2.31 -25.43 -3.70
CA GLN B 36 -2.58 -26.68 -3.00
C GLN B 36 -3.35 -26.39 -1.72
N ASP B 37 -4.60 -26.79 -1.68
CA ASP B 37 -5.47 -26.47 -0.55
C ASP B 37 -5.56 -27.59 0.49
N ASP B 38 -4.72 -28.61 0.36
CA ASP B 38 -4.66 -29.68 1.35
C ASP B 38 -6.03 -30.27 1.66
N SER B 39 -6.97 -30.15 0.73
CA SER B 39 -8.33 -30.67 0.92
C SER B 39 -9.05 -30.02 2.10
N VAL B 40 -8.51 -28.92 2.59
CA VAL B 40 -9.19 -28.11 3.60
C VAL B 40 -9.63 -26.80 2.95
N GLU B 41 -10.94 -26.63 2.76
CA GLU B 41 -11.46 -25.44 2.08
C GLU B 41 -11.91 -24.36 3.05
N THR B 42 -11.47 -23.13 2.79
CA THR B 42 -11.95 -21.97 3.53
C THR B 42 -12.21 -20.83 2.56
N VAL B 43 -12.81 -19.75 3.04
CA VAL B 43 -13.09 -18.59 2.18
C VAL B 43 -11.83 -18.12 1.45
N THR B 44 -10.70 -18.15 2.13
CA THR B 44 -9.45 -17.68 1.53
C THR B 44 -9.03 -18.51 0.33
N SER B 45 -9.03 -19.83 0.47
CA SER B 45 -8.60 -20.72 -0.61
C SER B 45 -9.57 -20.71 -1.79
N ILE B 46 -10.86 -20.70 -1.48
CA ILE B 46 -11.89 -20.62 -2.51
C ILE B 46 -11.70 -19.40 -3.40
N GLU B 47 -11.50 -18.23 -2.78
CA GLU B 47 -11.33 -16.99 -3.54
C GLU B 47 -10.03 -16.97 -4.33
N GLN B 48 -8.97 -17.52 -3.74
CA GLN B 48 -7.69 -17.62 -4.43
C GLN B 48 -7.79 -18.53 -5.66
N ALA B 49 -8.54 -19.62 -5.53
CA ALA B 49 -8.70 -20.56 -6.63
C ALA B 49 -9.46 -19.94 -7.80
N LYS B 50 -10.47 -19.14 -7.48
CA LYS B 50 -11.24 -18.42 -8.51
C LYS B 50 -10.32 -17.57 -9.38
N VAL B 51 -9.45 -16.81 -8.73
CA VAL B 51 -8.53 -15.93 -9.44
C VAL B 51 -7.58 -16.72 -10.34
N GLU B 52 -7.00 -17.78 -9.79
CA GLU B 52 -6.04 -18.60 -10.54
C GLU B 52 -6.69 -19.22 -11.78
N GLU B 53 -7.96 -19.60 -11.66
CA GLU B 53 -8.66 -20.19 -12.79
C GLU B 53 -8.81 -19.15 -13.91
N LYS B 54 -9.16 -17.92 -13.53
CA LYS B 54 -9.32 -16.85 -14.50
C LYS B 54 -8.00 -16.50 -15.18
N ILE B 55 -6.90 -16.51 -14.42
CA ILE B 55 -5.59 -16.19 -14.97
C ILE B 55 -5.09 -17.30 -15.88
N GLN B 56 -5.43 -18.55 -15.55
CA GLN B 56 -5.02 -19.70 -16.36
C GLN B 56 -5.60 -19.63 -17.77
N GLU B 57 -6.86 -19.19 -17.87
CA GLU B 57 -7.50 -19.02 -19.16
C GLU B 57 -6.75 -18.01 -20.01
N VAL B 58 -6.37 -16.89 -19.39
CA VAL B 58 -5.62 -15.87 -20.11
C VAL B 58 -4.33 -16.47 -20.67
N PHE B 59 -3.63 -17.25 -19.85
CA PHE B 59 -2.38 -17.86 -20.26
C PHE B 59 -2.61 -18.87 -21.39
N SER B 60 -3.66 -19.66 -21.26
CA SER B 60 -3.92 -20.76 -22.20
C SER B 60 -4.61 -20.33 -23.48
N SER B 61 -5.09 -19.08 -23.52
CA SER B 61 -5.88 -18.61 -24.66
C SER B 61 -5.16 -18.75 -26.00
N TYR B 62 -3.85 -18.55 -25.99
CA TYR B 62 -3.06 -18.63 -27.22
C TYR B 62 -3.03 -20.05 -27.77
N LYS B 63 -2.85 -21.01 -26.86
CA LYS B 63 -2.85 -22.42 -27.20
C LYS B 63 -4.21 -22.87 -27.75
N PHE B 64 -5.29 -22.50 -27.07
CA PHE B 64 -6.61 -22.92 -27.50
C PHE B 64 -7.01 -22.24 -28.82
N ASN B 65 -6.50 -21.05 -29.05
CA ASN B 65 -6.79 -20.32 -30.29
C ASN B 65 -5.80 -20.64 -31.41
N HIS B 66 -4.76 -21.40 -31.06
CA HIS B 66 -3.74 -21.80 -32.03
C HIS B 66 -3.04 -20.59 -32.64
N LEU B 67 -2.49 -19.75 -31.78
CA LEU B 67 -1.73 -18.57 -32.20
C LEU B 67 -0.46 -18.50 -31.38
N VAL B 68 0.58 -17.89 -31.94
CA VAL B 68 1.79 -17.66 -31.16
C VAL B 68 1.68 -16.36 -30.38
N PRO B 69 1.93 -16.43 -29.06
CA PRO B 69 1.78 -15.27 -28.18
C PRO B 69 2.63 -14.08 -28.60
N ARG B 70 2.09 -12.88 -28.44
CA ARG B 70 2.84 -11.65 -28.66
C ARG B 70 2.48 -10.63 -27.57
N LEU B 71 3.49 -10.20 -26.82
CA LEU B 71 3.24 -9.27 -25.72
C LEU B 71 3.51 -7.84 -26.16
N VAL B 72 2.44 -7.09 -26.43
CA VAL B 72 2.54 -5.72 -26.91
C VAL B 72 1.88 -4.75 -25.94
N LEU B 73 2.63 -3.73 -25.53
CA LEU B 73 2.06 -2.65 -24.74
C LEU B 73 1.30 -1.70 -25.66
N GLN B 74 -0.01 -1.59 -25.46
CA GLN B 74 -0.86 -0.81 -26.34
C GLN B 74 -0.69 0.70 -26.15
N ARG B 75 0.51 1.20 -26.45
CA ARG B 75 0.86 2.61 -26.26
C ARG B 75 -0.19 3.59 -26.78
N GLU B 76 -0.55 3.44 -28.05
CA GLU B 76 -1.47 4.38 -28.70
C GLU B 76 -2.81 4.43 -27.96
N LYS B 77 -3.35 3.26 -27.65
CA LYS B 77 -4.61 3.18 -26.91
C LYS B 77 -4.53 3.86 -25.54
N HIS B 78 -3.47 3.56 -24.78
CA HIS B 78 -3.31 4.15 -23.46
C HIS B 78 -3.17 5.68 -23.54
N PHE B 79 -2.48 6.14 -24.58
CA PHE B 79 -2.25 7.57 -24.78
C PHE B 79 -3.56 8.34 -24.99
N HIS B 80 -4.43 7.80 -25.83
CA HIS B 80 -5.72 8.44 -26.09
C HIS B 80 -6.51 8.53 -24.79
N TYR B 81 -6.55 7.42 -24.05
CA TYR B 81 -7.24 7.35 -22.76
C TYR B 81 -6.77 8.44 -21.80
N LEU B 82 -5.47 8.61 -21.69
CA LEU B 82 -4.88 9.60 -20.80
C LEU B 82 -5.09 11.03 -21.30
N LYS B 83 -4.71 11.25 -22.56
CA LYS B 83 -4.88 12.56 -23.23
C LYS B 83 -6.26 13.18 -22.95
N ARG B 84 -7.31 12.39 -23.09
CA ARG B 84 -8.66 12.86 -22.83
C ARG B 84 -8.89 13.12 -21.35
N GLY B 85 -8.57 12.13 -20.51
CA GLY B 85 -8.75 12.24 -19.08
C GLY B 85 -8.14 13.50 -18.49
N LEU B 86 -6.98 13.88 -19.00
CA LEU B 86 -6.27 15.06 -18.49
C LEU B 86 -7.14 16.31 -18.60
N ARG B 87 -8.19 16.23 -19.41
CA ARG B 87 -9.06 17.38 -19.62
C ARG B 87 -10.46 17.15 -19.03
N GLN B 88 -10.96 15.94 -19.17
CA GLN B 88 -12.37 15.70 -18.86
C GLN B 88 -12.64 14.26 -18.41
N LEU B 89 -13.51 14.12 -17.41
CA LEU B 89 -13.85 12.81 -16.87
C LEU B 89 -15.36 12.66 -16.73
N THR B 90 -15.85 11.43 -16.90
CA THR B 90 -17.28 11.17 -16.71
C THR B 90 -17.65 11.20 -15.24
N ASP B 91 -18.95 11.19 -14.95
CA ASP B 91 -19.43 11.26 -13.58
C ASP B 91 -19.06 10.01 -12.79
N ALA B 92 -18.41 9.06 -13.45
CA ALA B 92 -17.92 7.86 -12.79
C ALA B 92 -16.86 8.26 -11.75
N TYR B 93 -16.31 9.45 -11.91
CA TYR B 93 -15.23 9.91 -11.05
C TYR B 93 -15.70 10.92 -10.01
N GLU B 94 -17.02 10.97 -9.79
CA GLU B 94 -17.56 11.80 -8.72
C GLU B 94 -16.98 11.40 -7.37
N CYS B 95 -16.72 10.11 -7.19
CA CYS B 95 -16.17 9.60 -5.92
C CYS B 95 -14.73 10.08 -5.70
N LEU B 96 -14.17 10.75 -6.69
CA LEU B 96 -12.81 11.26 -6.59
C LEU B 96 -12.76 12.78 -6.68
N ASP B 97 -13.89 13.42 -6.43
CA ASP B 97 -13.98 14.88 -6.45
C ASP B 97 -13.07 15.56 -5.42
N ALA B 98 -12.64 14.81 -4.41
CA ALA B 98 -11.75 15.36 -3.39
C ALA B 98 -10.31 14.91 -3.57
N SER B 99 -9.99 14.37 -4.75
CA SER B 99 -8.64 13.91 -5.05
C SER B 99 -8.20 14.31 -6.44
N ARG B 100 -8.49 15.54 -6.85
CA ARG B 100 -8.20 15.91 -8.22
C ARG B 100 -6.72 16.15 -8.52
N PRO B 101 -5.96 16.66 -7.54
CA PRO B 101 -4.51 16.68 -7.78
C PRO B 101 -3.94 15.28 -8.01
N TRP B 102 -4.54 14.26 -7.40
CA TRP B 102 -4.09 12.88 -7.64
C TRP B 102 -4.29 12.54 -9.10
N LEU B 103 -5.45 12.92 -9.63
CA LEU B 103 -5.75 12.66 -11.03
C LEU B 103 -4.74 13.34 -11.93
N CYS B 104 -4.38 14.58 -11.60
CA CYS B 104 -3.32 15.28 -12.33
C CYS B 104 -2.03 14.48 -12.29
N TYR B 105 -1.65 14.04 -11.10
CA TYR B 105 -0.41 13.28 -10.95
C TYR B 105 -0.43 11.95 -11.70
N TRP B 106 -1.47 11.14 -11.48
CA TRP B 106 -1.53 9.83 -12.13
C TRP B 106 -1.42 9.93 -13.65
N ILE B 107 -2.10 10.91 -14.23
CA ILE B 107 -2.14 11.05 -15.68
C ILE B 107 -0.82 11.58 -16.25
N LEU B 108 -0.30 12.65 -15.67
CA LEU B 108 0.99 13.19 -16.09
C LEU B 108 2.11 12.16 -16.00
N HIS B 109 2.19 11.46 -14.87
CA HIS B 109 3.23 10.44 -14.68
C HIS B 109 3.09 9.30 -15.70
N SER B 110 1.86 8.93 -16.03
CA SER B 110 1.63 7.90 -17.03
C SER B 110 2.19 8.34 -18.38
N LEU B 111 1.83 9.55 -18.81
CA LEU B 111 2.34 10.12 -20.04
C LEU B 111 3.86 10.18 -20.04
N GLU B 112 4.42 10.57 -18.89
CA GLU B 112 5.86 10.64 -18.71
C GLU B 112 6.55 9.28 -18.92
N LEU B 113 5.97 8.23 -18.35
CA LEU B 113 6.50 6.88 -18.53
C LEU B 113 6.41 6.46 -20.00
N LEU B 114 5.32 6.84 -20.66
CA LEU B 114 5.12 6.52 -22.07
C LEU B 114 5.92 7.43 -23.00
N ASP B 115 6.65 8.39 -22.40
CA ASP B 115 7.46 9.33 -23.16
C ASP B 115 6.64 10.21 -24.10
N GLU B 116 5.52 10.71 -23.60
CA GLU B 116 4.68 11.64 -24.37
C GLU B 116 4.85 13.05 -23.82
N PRO B 117 5.16 14.02 -24.70
CA PRO B 117 5.46 15.35 -24.22
C PRO B 117 4.22 16.07 -23.71
N ILE B 118 4.42 16.99 -22.78
CA ILE B 118 3.33 17.77 -22.20
C ILE B 118 3.26 19.13 -22.87
N PRO B 119 2.23 19.36 -23.69
CA PRO B 119 2.11 20.66 -24.35
C PRO B 119 2.17 21.76 -23.31
N GLN B 120 2.86 22.85 -23.64
CA GLN B 120 3.05 23.94 -22.67
C GLN B 120 1.75 24.64 -22.28
N ILE B 121 0.74 24.59 -23.14
CA ILE B 121 -0.57 25.10 -22.81
C ILE B 121 -1.22 24.22 -21.73
N VAL B 122 -1.08 22.91 -21.88
CA VAL B 122 -1.51 21.97 -20.85
C VAL B 122 -0.80 22.27 -19.53
N ALA B 123 0.52 22.31 -19.56
CA ALA B 123 1.32 22.59 -18.36
C ALA B 123 0.85 23.84 -17.62
N THR B 124 0.66 24.94 -18.35
CA THR B 124 0.22 26.18 -17.71
C THR B 124 -1.18 26.04 -17.11
N ASP B 125 -2.05 25.32 -17.81
CA ASP B 125 -3.40 25.09 -17.32
C ASP B 125 -3.43 24.23 -16.06
N VAL B 126 -2.53 23.25 -15.99
CA VAL B 126 -2.37 22.45 -14.78
C VAL B 126 -1.91 23.31 -13.61
N CYS B 127 -0.91 24.14 -13.86
CA CYS B 127 -0.38 25.04 -12.83
C CYS B 127 -1.47 25.91 -12.24
N GLN B 128 -2.27 26.53 -13.10
CA GLN B 128 -3.32 27.45 -12.66
C GLN B 128 -4.36 26.73 -11.80
N PHE B 129 -4.70 25.51 -12.19
CA PHE B 129 -5.69 24.74 -11.45
C PHE B 129 -5.19 24.40 -10.05
N LEU B 130 -3.92 24.02 -9.96
CA LEU B 130 -3.33 23.65 -8.68
C LEU B 130 -3.22 24.86 -7.76
N GLU B 131 -3.05 26.04 -8.35
CA GLU B 131 -3.03 27.27 -7.57
C GLU B 131 -4.38 27.48 -6.87
N LEU B 132 -5.45 27.16 -7.57
CA LEU B 132 -6.78 27.27 -6.98
C LEU B 132 -6.98 26.24 -5.87
N CYS B 133 -6.25 25.14 -5.95
CA CYS B 133 -6.35 24.08 -4.96
C CYS B 133 -5.51 24.38 -3.71
N GLN B 134 -4.61 25.35 -3.83
CA GLN B 134 -3.70 25.66 -2.73
C GLN B 134 -4.37 26.48 -1.64
N SER B 135 -4.16 26.08 -0.40
CA SER B 135 -4.75 26.78 0.75
C SER B 135 -3.98 28.05 1.12
N PRO B 136 -4.69 29.08 1.60
CA PRO B 136 -4.07 30.32 2.04
C PRO B 136 -3.06 30.07 3.16
N ASP B 137 -3.31 29.04 3.98
CA ASP B 137 -2.44 28.76 5.11
C ASP B 137 -1.46 27.59 4.86
N GLY B 138 -1.31 27.21 3.59
CA GLY B 138 -0.35 26.17 3.22
C GLY B 138 -0.95 24.83 2.88
N GLY B 139 -0.32 24.12 1.95
CA GLY B 139 -0.80 22.82 1.51
C GLY B 139 -1.81 22.93 0.39
N PHE B 140 -2.17 21.80 -0.20
CA PHE B 140 -3.17 21.77 -1.27
C PHE B 140 -4.39 20.95 -0.85
N GLY B 141 -5.54 21.29 -1.39
CA GLY B 141 -6.78 20.55 -1.13
C GLY B 141 -7.14 19.65 -2.30
N GLY B 142 -8.22 18.89 -2.15
CA GLY B 142 -8.65 17.96 -3.19
C GLY B 142 -9.29 18.65 -4.37
N GLY B 143 -9.53 19.95 -4.23
CA GLY B 143 -10.16 20.76 -5.26
C GLY B 143 -10.29 22.20 -4.78
N PRO B 144 -10.71 23.12 -5.65
CA PRO B 144 -10.74 24.52 -5.27
C PRO B 144 -11.74 24.78 -4.15
N GLY B 145 -11.27 25.40 -3.07
CA GLY B 145 -12.13 25.71 -1.93
C GLY B 145 -12.18 24.62 -0.88
N GLN B 146 -11.50 23.51 -1.13
CA GLN B 146 -11.45 22.42 -0.17
C GLN B 146 -10.28 22.64 0.79
N TYR B 147 -10.42 22.18 2.03
CA TYR B 147 -9.33 22.30 3.00
C TYR B 147 -8.10 21.51 2.54
N PRO B 148 -6.92 21.92 3.00
CA PRO B 148 -5.68 21.22 2.68
C PRO B 148 -5.63 19.83 3.31
N HIS B 149 -4.84 18.94 2.71
CA HIS B 149 -4.75 17.54 3.11
C HIS B 149 -3.45 17.00 2.55
N LEU B 150 -2.70 16.24 3.34
CA LEU B 150 -1.35 15.80 2.95
C LEU B 150 -1.27 14.92 1.69
N ALA B 151 -2.30 14.10 1.45
CA ALA B 151 -2.28 13.25 0.28
C ALA B 151 -2.35 14.05 -1.03
N PRO B 152 -3.39 14.89 -1.20
CA PRO B 152 -3.40 15.76 -2.38
C PRO B 152 -2.23 16.74 -2.43
N THR B 153 -1.67 17.09 -1.27
CA THR B 153 -0.48 17.93 -1.21
C THR B 153 0.72 17.23 -1.83
N TYR B 154 0.91 15.97 -1.48
CA TYR B 154 1.94 15.13 -2.08
C TYR B 154 1.73 15.02 -3.59
N ALA B 155 0.49 14.78 -4.00
CA ALA B 155 0.17 14.62 -5.42
C ALA B 155 0.44 15.89 -6.21
N ALA B 156 0.04 17.03 -5.63
CA ALA B 156 0.24 18.32 -6.30
C ALA B 156 1.72 18.59 -6.54
N VAL B 157 2.53 18.47 -5.48
CA VAL B 157 3.96 18.69 -5.59
C VAL B 157 4.59 17.82 -6.66
N ASN B 158 4.27 16.53 -6.66
CA ASN B 158 4.78 15.61 -7.68
C ASN B 158 4.42 16.04 -9.10
N ALA B 159 3.20 16.52 -9.29
CA ALA B 159 2.75 16.93 -10.62
C ALA B 159 3.53 18.15 -11.13
N LEU B 160 3.68 19.15 -10.27
CA LEU B 160 4.43 20.35 -10.63
C LEU B 160 5.89 20.02 -10.94
N CYS B 161 6.45 19.03 -10.26
CA CYS B 161 7.83 18.61 -10.48
C CYS B 161 7.98 17.86 -11.81
N ILE B 162 6.95 17.13 -12.20
CA ILE B 162 6.95 16.45 -13.48
C ILE B 162 6.96 17.51 -14.60
N ILE B 163 6.16 18.55 -14.42
CA ILE B 163 6.14 19.64 -15.38
C ILE B 163 7.50 20.34 -15.38
N GLY B 164 7.96 20.74 -14.19
CA GLY B 164 9.34 21.15 -14.00
C GLY B 164 9.75 22.52 -14.52
N THR B 165 8.80 23.32 -14.98
CA THR B 165 9.11 24.67 -15.42
C THR B 165 9.23 25.63 -14.24
N GLU B 166 9.75 26.83 -14.51
CA GLU B 166 9.86 27.85 -13.49
C GLU B 166 8.48 28.23 -12.98
N GLU B 167 7.51 28.24 -13.88
CA GLU B 167 6.13 28.52 -13.53
C GLU B 167 5.64 27.49 -12.50
N ALA B 168 5.81 26.22 -12.83
CA ALA B 168 5.40 25.15 -11.94
C ALA B 168 6.02 25.30 -10.55
N TYR B 169 7.34 25.44 -10.49
CA TYR B 169 8.02 25.57 -9.20
C TYR B 169 7.45 26.70 -8.36
N ASN B 170 7.20 27.85 -8.99
CA ASN B 170 6.74 29.05 -8.28
C ASN B 170 5.35 28.95 -7.67
N VAL B 171 4.56 27.98 -8.13
CA VAL B 171 3.21 27.76 -7.60
C VAL B 171 3.24 27.49 -6.10
N ILE B 172 4.21 26.70 -5.67
CA ILE B 172 4.29 26.26 -4.28
C ILE B 172 4.72 27.36 -3.32
N ASN B 173 3.85 27.71 -2.38
CA ASN B 173 4.19 28.63 -1.30
C ASN B 173 4.95 27.90 -0.19
N ARG B 174 6.27 28.03 -0.22
CA ARG B 174 7.15 27.25 0.67
C ARG B 174 7.03 27.61 2.16
N GLU B 175 6.91 28.89 2.47
CA GLU B 175 6.76 29.32 3.86
C GLU B 175 5.54 28.67 4.49
N LYS B 176 4.40 28.80 3.80
CA LYS B 176 3.15 28.29 4.31
C LYS B 176 3.17 26.76 4.38
N LEU B 177 3.78 26.13 3.38
CA LEU B 177 3.85 24.68 3.35
C LEU B 177 4.46 24.17 4.65
N LEU B 178 5.59 24.77 5.05
CA LEU B 178 6.29 24.36 6.26
C LEU B 178 5.42 24.60 7.48
N GLN B 179 4.75 25.74 7.52
CA GLN B 179 3.84 26.04 8.62
C GLN B 179 2.77 24.96 8.70
N TYR B 180 2.19 24.62 7.56
CA TYR B 180 1.19 23.55 7.49
C TYR B 180 1.72 22.24 8.07
N LEU B 181 2.89 21.81 7.59
CA LEU B 181 3.50 20.59 8.12
C LEU B 181 3.60 20.61 9.64
N TYR B 182 4.08 21.73 10.18
CA TYR B 182 4.25 21.87 11.63
C TYR B 182 2.94 21.71 12.39
N SER B 183 1.87 22.27 11.85
CA SER B 183 0.57 22.21 12.52
C SER B 183 0.04 20.80 12.60
N LEU B 184 0.61 19.90 11.81
CA LEU B 184 0.15 18.51 11.76
C LEU B 184 1.02 17.56 12.60
N LYS B 185 2.24 17.98 12.90
CA LYS B 185 3.22 17.18 13.63
C LYS B 185 2.74 16.83 15.05
N GLN B 186 2.92 15.57 15.44
CA GLN B 186 2.54 15.11 16.78
C GLN B 186 3.76 14.94 17.69
N PRO B 187 3.53 14.94 19.00
CA PRO B 187 4.66 14.78 19.93
C PRO B 187 5.36 13.43 19.80
N ASP B 188 4.64 12.40 19.37
CA ASP B 188 5.22 11.06 19.30
C ASP B 188 5.97 10.76 18.00
N GLY B 189 6.05 11.76 17.12
CA GLY B 189 6.80 11.61 15.87
C GLY B 189 5.96 11.50 14.60
N SER B 190 4.66 11.26 14.76
CA SER B 190 3.77 11.08 13.61
C SER B 190 3.14 12.40 13.13
N PHE B 191 2.44 12.32 11.99
CA PHE B 191 1.69 13.45 11.43
C PHE B 191 0.21 13.09 11.23
N LEU B 192 -0.67 14.05 11.46
CA LEU B 192 -2.06 13.88 11.06
C LEU B 192 -2.09 13.99 9.53
N MET B 193 -3.07 13.38 8.89
CA MET B 193 -3.23 13.54 7.44
C MET B 193 -3.72 14.95 7.11
N HIS B 194 -4.49 15.52 8.04
CA HIS B 194 -5.08 16.84 7.89
C HIS B 194 -5.63 17.28 9.23
N VAL B 195 -5.98 18.56 9.34
CA VAL B 195 -6.47 19.11 10.60
C VAL B 195 -7.75 18.41 11.05
N GLY B 196 -7.76 17.96 12.31
CA GLY B 196 -8.88 17.18 12.84
C GLY B 196 -8.99 15.81 12.20
N GLY B 197 -7.88 15.32 11.64
CA GLY B 197 -7.87 14.04 10.91
C GLY B 197 -7.11 12.91 11.57
N GLU B 198 -6.87 11.85 10.79
CA GLU B 198 -6.26 10.63 11.33
C GLU B 198 -4.76 10.51 11.06
N VAL B 199 -4.10 9.65 11.82
CA VAL B 199 -2.66 9.41 11.71
C VAL B 199 -2.36 8.01 11.18
N ASP B 200 -1.46 7.93 10.21
CA ASP B 200 -0.90 6.65 9.77
C ASP B 200 0.37 6.90 8.96
N VAL B 201 1.08 5.83 8.60
CA VAL B 201 2.40 5.95 8.01
C VAL B 201 2.44 6.72 6.68
N ARG B 202 1.32 6.75 5.97
CA ARG B 202 1.25 7.48 4.72
C ARG B 202 1.60 8.95 4.91
N SER B 203 1.14 9.52 6.02
CA SER B 203 1.31 10.95 6.26
C SER B 203 2.77 11.32 6.46
N ALA B 204 3.54 10.42 7.05
CA ALA B 204 4.97 10.63 7.26
C ALA B 204 5.65 10.69 5.90
N TYR B 205 5.31 9.74 5.04
CA TYR B 205 5.84 9.71 3.67
C TYR B 205 5.48 10.98 2.89
N CYS B 206 4.19 11.30 2.82
CA CYS B 206 3.76 12.51 2.12
C CYS B 206 4.55 13.73 2.58
N ALA B 207 4.70 13.88 3.90
CA ALA B 207 5.43 15.00 4.47
C ALA B 207 6.91 15.00 4.06
N ALA B 208 7.57 13.88 4.27
CA ALA B 208 8.99 13.76 3.92
C ALA B 208 9.22 13.98 2.42
N SER B 209 8.25 13.56 1.61
CA SER B 209 8.39 13.69 0.15
C SER B 209 8.39 15.15 -0.28
N VAL B 210 7.36 15.90 0.10
CA VAL B 210 7.26 17.29 -0.32
C VAL B 210 8.30 18.19 0.36
N ALA B 211 8.65 17.86 1.60
CA ALA B 211 9.60 18.66 2.36
C ALA B 211 11.02 18.56 1.80
N SER B 212 11.41 17.36 1.38
CA SER B 212 12.74 17.17 0.81
C SER B 212 12.85 17.82 -0.57
N LEU B 213 11.85 17.60 -1.42
CA LEU B 213 11.88 18.17 -2.78
C LEU B 213 11.95 19.70 -2.78
N THR B 214 11.21 20.34 -1.87
CA THR B 214 11.14 21.80 -1.85
C THR B 214 12.13 22.44 -0.89
N ASN B 215 12.98 21.62 -0.27
CA ASN B 215 14.01 22.12 0.62
C ASN B 215 13.45 22.97 1.78
N ILE B 216 12.59 22.39 2.59
CA ILE B 216 12.03 23.11 3.74
C ILE B 216 12.23 22.35 5.04
N ILE B 217 13.16 21.41 5.04
CA ILE B 217 13.40 20.56 6.20
C ILE B 217 14.27 21.26 7.26
N THR B 218 13.66 21.56 8.40
CA THR B 218 14.38 22.16 9.52
C THR B 218 14.96 21.05 10.40
N PRO B 219 15.87 21.42 11.31
CA PRO B 219 16.52 20.47 12.23
C PRO B 219 15.55 19.62 13.06
N ASP B 220 14.38 20.16 13.41
CA ASP B 220 13.46 19.45 14.30
C ASP B 220 12.17 18.95 13.64
N LEU B 221 11.95 19.26 12.37
CA LEU B 221 10.69 18.91 11.70
C LEU B 221 10.37 17.42 11.85
N PHE B 222 11.36 16.56 11.66
CA PHE B 222 11.14 15.12 11.70
C PHE B 222 11.69 14.43 12.95
N GLU B 223 11.76 15.17 14.05
CA GLU B 223 12.16 14.59 15.33
C GLU B 223 11.19 13.48 15.72
N GLY B 224 11.73 12.29 15.97
CA GLY B 224 10.93 11.17 16.43
C GLY B 224 10.18 10.42 15.34
N THR B 225 10.25 10.93 14.12
CA THR B 225 9.50 10.33 13.00
C THR B 225 10.05 8.95 12.62
N ALA B 226 11.36 8.82 12.47
CA ALA B 226 11.97 7.54 12.14
C ALA B 226 11.66 6.48 13.20
N GLU B 227 11.66 6.89 14.47
CA GLU B 227 11.34 5.97 15.55
C GLU B 227 9.89 5.51 15.51
N TRP B 228 8.98 6.44 15.24
CA TRP B 228 7.56 6.09 15.14
C TRP B 228 7.33 5.11 13.99
N ILE B 229 7.95 5.37 12.84
CA ILE B 229 7.85 4.45 11.71
C ILE B 229 8.38 3.07 12.08
N ALA B 230 9.51 3.02 12.78
CA ALA B 230 10.10 1.76 13.19
C ALA B 230 9.17 0.95 14.11
N ARG B 231 8.32 1.65 14.85
CA ARG B 231 7.35 0.96 15.70
C ARG B 231 6.26 0.28 14.89
N CYS B 232 6.16 0.64 13.61
CA CYS B 232 5.11 0.07 12.76
C CYS B 232 5.52 -1.27 12.13
N GLN B 233 6.81 -1.58 12.11
CA GLN B 233 7.25 -2.88 11.65
C GLN B 233 6.81 -3.94 12.66
N ASN B 234 6.25 -5.04 12.18
CA ASN B 234 5.73 -6.07 13.07
C ASN B 234 6.37 -7.45 12.92
N TRP B 235 5.76 -8.44 13.58
CA TRP B 235 6.26 -9.81 13.60
C TRP B 235 6.36 -10.46 12.23
N GLU B 236 5.77 -9.84 11.21
CA GLU B 236 5.77 -10.41 9.86
C GLU B 236 7.00 -9.99 9.06
N GLY B 237 7.58 -8.85 9.43
CA GLY B 237 8.71 -8.30 8.70
C GLY B 237 8.36 -7.02 7.96
N GLY B 238 7.09 -6.90 7.57
CA GLY B 238 6.61 -5.71 6.87
C GLY B 238 6.10 -4.65 7.82
N ILE B 239 5.46 -3.62 7.27
CA ILE B 239 5.02 -2.47 8.05
C ILE B 239 3.50 -2.27 7.96
N GLY B 240 2.89 -1.93 9.10
CA GLY B 240 1.45 -1.68 9.18
C GLY B 240 1.12 -0.19 9.23
N GLY B 241 -0.16 0.14 9.12
CA GLY B 241 -0.60 1.55 9.11
C GLY B 241 -0.27 2.29 10.40
N VAL B 242 -0.48 1.61 11.53
CA VAL B 242 -0.06 2.10 12.84
C VAL B 242 0.50 0.92 13.65
N PRO B 243 1.28 1.23 14.70
CA PRO B 243 1.87 0.16 15.52
C PRO B 243 0.84 -0.88 15.93
N GLY B 244 1.12 -2.15 15.63
CA GLY B 244 0.22 -3.24 16.01
C GLY B 244 -0.59 -3.84 14.87
N MET B 245 -0.70 -3.17 13.76
CA MET B 245 -1.48 -3.62 12.62
C MET B 245 -0.79 -4.55 11.65
N GLU B 246 -1.57 -5.35 10.95
CA GLU B 246 -1.06 -6.28 9.95
C GLU B 246 -0.16 -5.57 8.94
N ALA B 247 0.90 -6.24 8.48
CA ALA B 247 1.82 -5.67 7.51
C ALA B 247 1.18 -5.57 6.13
N HIS B 248 1.36 -4.43 5.47
CA HIS B 248 0.75 -4.18 4.16
C HIS B 248 1.69 -3.46 3.20
N GLY B 249 1.68 -3.89 1.95
CA GLY B 249 2.54 -3.30 0.92
C GLY B 249 2.46 -1.79 0.75
N GLY B 250 1.27 -1.22 0.91
CA GLY B 250 1.11 0.22 0.76
C GLY B 250 1.83 0.97 1.87
N TYR B 251 1.61 0.53 3.10
CA TYR B 251 2.21 1.17 4.26
C TYR B 251 3.71 0.86 4.33
N THR B 252 4.09 -0.32 3.88
CA THR B 252 5.50 -0.69 3.89
C THR B 252 6.29 0.19 2.92
N PHE B 253 5.77 0.38 1.72
CA PHE B 253 6.44 1.28 0.79
C PHE B 253 6.62 2.67 1.39
N CYS B 254 5.56 3.22 1.96
CA CYS B 254 5.59 4.57 2.52
C CYS B 254 6.62 4.67 3.64
N GLY B 255 6.72 3.64 4.46
CA GLY B 255 7.62 3.63 5.60
C GLY B 255 9.08 3.61 5.18
N LEU B 256 9.44 2.62 4.37
CA LEU B 256 10.82 2.51 3.91
C LEU B 256 11.24 3.75 3.11
N ALA B 257 10.37 4.20 2.21
CA ALA B 257 10.67 5.36 1.37
C ALA B 257 10.90 6.62 2.21
N ALA B 258 10.11 6.78 3.28
CA ALA B 258 10.28 7.92 4.15
C ALA B 258 11.62 7.83 4.85
N LEU B 259 11.93 6.64 5.38
CA LEU B 259 13.19 6.40 6.07
C LEU B 259 14.38 6.67 5.16
N VAL B 260 14.31 6.20 3.92
CA VAL B 260 15.36 6.48 2.94
C VAL B 260 15.57 7.99 2.79
N ILE B 261 14.48 8.74 2.68
CA ILE B 261 14.59 10.19 2.57
C ILE B 261 15.28 10.78 3.79
N LEU B 262 14.97 10.22 4.97
CA LEU B 262 15.54 10.72 6.22
C LEU B 262 16.89 10.07 6.53
N LYS B 263 17.34 9.17 5.67
CA LYS B 263 18.61 8.47 5.85
C LYS B 263 18.60 7.64 7.14
N LYS B 264 17.51 6.92 7.38
CA LYS B 264 17.39 6.14 8.61
C LYS B 264 16.90 4.71 8.34
N GLU B 265 17.15 4.20 7.15
CA GLU B 265 16.69 2.87 6.79
C GLU B 265 17.11 1.85 7.84
N ARG B 266 18.25 2.11 8.46
CA ARG B 266 18.85 1.14 9.39
C ARG B 266 18.05 0.97 10.69
N SER B 267 17.13 1.89 10.96
CA SER B 267 16.24 1.74 12.11
C SER B 267 15.35 0.52 11.97
N LEU B 268 15.19 0.03 10.74
CA LEU B 268 14.37 -1.14 10.48
C LEU B 268 15.22 -2.41 10.48
N ASN B 269 14.58 -3.54 10.70
CA ASN B 269 15.21 -4.84 10.45
C ASN B 269 15.06 -5.15 8.96
N LEU B 270 16.02 -4.70 8.16
CA LEU B 270 15.95 -4.83 6.72
C LEU B 270 15.86 -6.28 6.24
N LYS B 271 16.45 -7.19 7.00
CA LYS B 271 16.47 -8.60 6.64
C LYS B 271 15.08 -9.24 6.69
N SER B 272 14.37 -9.06 7.79
CA SER B 272 13.01 -9.61 7.91
C SER B 272 12.08 -8.94 6.89
N LEU B 273 12.32 -7.66 6.63
CA LEU B 273 11.53 -6.92 5.65
C LEU B 273 11.71 -7.52 4.25
N LEU B 274 12.96 -7.75 3.87
CA LEU B 274 13.26 -8.33 2.56
C LEU B 274 12.58 -9.68 2.39
N GLN B 275 12.60 -10.50 3.43
CA GLN B 275 12.01 -11.83 3.33
C GLN B 275 10.48 -11.72 3.18
N TRP B 276 9.90 -10.72 3.83
CA TRP B 276 8.46 -10.52 3.76
C TRP B 276 7.99 -10.09 2.36
N VAL B 277 8.62 -9.08 1.79
CA VAL B 277 8.18 -8.59 0.49
C VAL B 277 8.37 -9.62 -0.63
N THR B 278 9.53 -10.28 -0.65
CA THR B 278 9.79 -11.27 -1.70
C THR B 278 8.74 -12.38 -1.66
N SER B 279 8.26 -12.69 -0.47
CA SER B 279 7.20 -13.69 -0.30
C SER B 279 5.84 -13.20 -0.80
N ARG B 280 5.74 -11.91 -1.11
CA ARG B 280 4.46 -11.34 -1.53
C ARG B 280 4.19 -11.52 -3.04
N GLN B 281 5.21 -11.97 -3.78
CA GLN B 281 5.00 -12.26 -5.19
C GLN B 281 4.30 -13.60 -5.35
N MET B 282 3.27 -13.64 -6.19
CA MET B 282 2.46 -14.85 -6.36
C MET B 282 3.15 -15.82 -7.33
N ARG B 283 3.34 -17.06 -6.88
CA ARG B 283 4.07 -18.04 -7.67
C ARG B 283 3.37 -18.38 -8.98
N PHE B 284 2.04 -18.46 -8.96
CA PHE B 284 1.32 -18.73 -10.19
C PHE B 284 1.11 -17.50 -11.06
N GLU B 285 0.46 -16.48 -10.49
CA GLU B 285 0.08 -15.29 -11.26
C GLU B 285 1.27 -14.45 -11.73
N GLY B 286 2.30 -14.35 -10.90
CA GLY B 286 3.48 -13.56 -11.24
C GLY B 286 3.45 -12.14 -10.71
N GLY B 287 2.26 -11.66 -10.35
CA GLY B 287 2.11 -10.33 -9.78
C GLY B 287 2.25 -10.37 -8.26
N PHE B 288 2.05 -9.23 -7.61
CA PHE B 288 2.18 -9.14 -6.17
C PHE B 288 0.84 -9.01 -5.45
N GLN B 289 0.76 -9.57 -4.26
CA GLN B 289 -0.38 -9.37 -3.36
C GLN B 289 -0.01 -8.31 -2.35
N GLY B 290 -1.00 -7.74 -1.66
CA GLY B 290 -0.76 -6.66 -0.71
C GLY B 290 -0.48 -7.13 0.72
N ARG B 291 -0.89 -8.36 1.03
CA ARG B 291 -0.66 -8.94 2.34
C ARG B 291 -0.86 -10.45 2.27
N CYS B 292 -0.32 -11.17 3.25
CA CYS B 292 -0.36 -12.63 3.23
C CYS B 292 -1.78 -13.21 3.15
N ASN B 293 -1.95 -14.17 2.25
CA ASN B 293 -3.24 -14.85 2.06
C ASN B 293 -4.38 -13.98 1.50
N LYS B 294 -4.04 -12.91 0.78
CA LYS B 294 -5.03 -12.17 -0.01
C LYS B 294 -4.72 -12.23 -1.53
N LEU B 295 -5.41 -11.42 -2.32
CA LEU B 295 -5.37 -11.57 -3.77
C LEU B 295 -4.37 -10.67 -4.49
N VAL B 296 -3.90 -11.14 -5.64
CA VAL B 296 -3.01 -10.36 -6.48
C VAL B 296 -3.72 -9.09 -6.96
N ASP B 297 -2.94 -8.06 -7.26
CA ASP B 297 -3.46 -6.78 -7.75
C ASP B 297 -2.37 -6.00 -8.47
N GLY B 298 -2.66 -5.56 -9.68
CA GLY B 298 -1.70 -4.81 -10.50
C GLY B 298 -1.01 -3.62 -9.85
N CYS B 299 -1.69 -2.91 -8.95
CA CYS B 299 -1.07 -1.71 -8.36
C CYS B 299 0.11 -2.05 -7.46
N TYR B 300 0.11 -3.26 -6.91
CA TYR B 300 1.23 -3.68 -6.05
C TYR B 300 2.49 -3.92 -6.86
N SER B 301 2.36 -3.94 -8.19
CA SER B 301 3.53 -4.01 -9.04
C SER B 301 4.45 -2.84 -8.71
N PHE B 302 3.89 -1.77 -8.16
CA PHE B 302 4.73 -0.67 -7.69
C PHE B 302 4.94 -0.65 -6.17
N TRP B 303 3.85 -0.64 -5.41
CA TRP B 303 3.97 -0.55 -3.96
C TRP B 303 4.87 -1.66 -3.39
N GLN B 304 4.69 -2.89 -3.85
CA GLN B 304 5.47 -4.02 -3.36
C GLN B 304 6.84 -4.13 -4.06
N ALA B 305 6.82 -4.32 -5.38
CA ALA B 305 8.06 -4.48 -6.13
C ALA B 305 8.98 -3.26 -6.03
N GLY B 306 8.41 -2.09 -5.79
CA GLY B 306 9.18 -0.86 -5.65
C GLY B 306 10.07 -0.87 -4.43
N LEU B 307 9.83 -1.81 -3.52
CA LEU B 307 10.62 -1.92 -2.31
C LEU B 307 12.01 -2.48 -2.59
N LEU B 308 12.12 -3.28 -3.64
CA LEU B 308 13.38 -3.97 -3.91
C LEU B 308 14.52 -3.06 -4.38
N PRO B 309 14.22 -2.07 -5.24
CA PRO B 309 15.24 -1.08 -5.53
C PRO B 309 15.63 -0.28 -4.29
N LEU B 310 14.69 -0.12 -3.36
CA LEU B 310 14.97 0.61 -2.12
C LEU B 310 15.89 -0.20 -1.21
N LEU B 311 15.57 -1.49 -1.05
CA LEU B 311 16.39 -2.38 -0.23
C LEU B 311 17.79 -2.53 -0.81
N HIS B 312 17.87 -2.73 -2.12
CA HIS B 312 19.14 -2.86 -2.80
C HIS B 312 20.06 -1.68 -2.48
N ARG B 313 19.52 -0.47 -2.63
CA ARG B 313 20.30 0.73 -2.39
C ARG B 313 20.74 0.81 -0.93
N ALA B 314 19.86 0.41 -0.03
CA ALA B 314 20.14 0.46 1.40
C ALA B 314 21.18 -0.58 1.80
N LEU B 315 20.98 -1.82 1.38
CA LEU B 315 21.88 -2.91 1.72
C LEU B 315 23.27 -2.65 1.14
N HIS B 316 23.30 -2.08 -0.06
CA HIS B 316 24.56 -1.75 -0.73
C HIS B 316 25.33 -0.68 0.03
N ALA B 317 24.60 0.29 0.60
CA ALA B 317 25.22 1.34 1.39
C ALA B 317 25.87 0.77 2.64
N GLN B 318 25.41 -0.40 3.06
CA GLN B 318 25.99 -1.10 4.19
C GLN B 318 27.11 -2.02 3.72
N GLY B 319 27.44 -1.92 2.44
CA GLY B 319 28.52 -2.71 1.86
C GLY B 319 28.22 -4.17 1.59
N ASP B 320 26.94 -4.53 1.62
CA ASP B 320 26.54 -5.92 1.33
C ASP B 320 27.22 -6.41 0.05
N PRO B 321 28.08 -7.43 0.18
CA PRO B 321 28.84 -7.93 -0.96
C PRO B 321 28.08 -8.98 -1.80
N ALA B 322 27.01 -9.53 -1.26
CA ALA B 322 26.30 -10.62 -1.93
C ALA B 322 25.25 -10.13 -2.93
N LEU B 323 25.08 -8.82 -3.04
CA LEU B 323 24.07 -8.23 -3.91
C LEU B 323 24.32 -8.47 -5.40
N SER B 324 23.32 -9.00 -6.10
CA SER B 324 23.40 -9.16 -7.54
C SER B 324 23.73 -7.83 -8.22
N MET B 325 24.36 -7.90 -9.37
CA MET B 325 24.77 -6.69 -10.09
C MET B 325 23.98 -6.45 -11.38
N SER B 326 22.91 -7.21 -11.59
CA SER B 326 22.10 -7.05 -12.79
C SER B 326 20.58 -7.17 -12.60
N HIS B 327 20.14 -7.70 -11.46
CA HIS B 327 18.72 -7.92 -11.23
C HIS B 327 18.25 -7.52 -9.83
N TRP B 328 16.99 -7.09 -9.73
CA TRP B 328 16.35 -6.87 -8.44
C TRP B 328 16.01 -8.23 -7.85
N MET B 329 15.80 -8.27 -6.54
CA MET B 329 15.51 -9.54 -5.87
C MET B 329 14.05 -9.98 -5.96
N PHE B 330 13.49 -9.90 -7.16
CA PHE B 330 12.18 -10.48 -7.47
C PHE B 330 12.17 -10.95 -8.93
N HIS B 331 11.17 -11.74 -9.30
CA HIS B 331 11.08 -12.27 -10.66
C HIS B 331 10.60 -11.17 -11.63
N GLN B 332 11.55 -10.47 -12.25
CA GLN B 332 11.22 -9.39 -13.17
C GLN B 332 10.42 -9.88 -14.38
N GLN B 333 10.80 -11.02 -14.92
CA GLN B 333 10.12 -11.59 -16.08
C GLN B 333 8.64 -11.85 -15.80
N ALA B 334 8.36 -12.55 -14.71
CA ALA B 334 7.01 -12.96 -14.37
C ALA B 334 6.08 -11.78 -14.11
N LEU B 335 6.62 -10.71 -13.52
CA LEU B 335 5.80 -9.55 -13.25
C LEU B 335 5.38 -8.87 -14.54
N GLN B 336 6.34 -8.67 -15.45
CA GLN B 336 6.05 -8.09 -16.76
C GLN B 336 4.99 -8.90 -17.50
N GLU B 337 5.09 -10.22 -17.42
CA GLU B 337 4.13 -11.09 -18.07
C GLU B 337 2.74 -10.87 -17.50
N TYR B 338 2.63 -10.83 -16.17
CA TYR B 338 1.35 -10.60 -15.52
C TYR B 338 0.72 -9.28 -15.97
N ILE B 339 1.50 -8.21 -15.99
CA ILE B 339 1.00 -6.89 -16.35
C ILE B 339 0.57 -6.83 -17.80
N LEU B 340 1.45 -7.30 -18.68
CA LEU B 340 1.20 -7.25 -20.12
C LEU B 340 0.04 -8.14 -20.59
N MET B 341 -0.06 -9.33 -20.02
CA MET B 341 -1.10 -10.28 -20.42
C MET B 341 -2.43 -10.12 -19.68
N CYS B 342 -2.38 -9.71 -18.41
CA CYS B 342 -3.58 -9.68 -17.57
C CYS B 342 -4.09 -8.29 -17.17
N CYS B 343 -3.27 -7.25 -17.30
CA CYS B 343 -3.66 -5.95 -16.75
C CYS B 343 -3.94 -4.85 -17.78
N GLN B 344 -4.04 -5.21 -19.05
CA GLN B 344 -4.34 -4.22 -20.07
C GLN B 344 -5.80 -4.28 -20.53
N CYS B 345 -6.43 -3.12 -20.64
CA CYS B 345 -7.74 -3.02 -21.25
C CYS B 345 -7.55 -2.72 -22.73
N PRO B 346 -8.20 -3.49 -23.61
CA PRO B 346 -8.08 -3.38 -25.05
C PRO B 346 -8.34 -1.97 -25.58
N ALA B 347 -9.24 -1.25 -24.92
CA ALA B 347 -9.60 0.11 -25.33
C ALA B 347 -8.67 1.17 -24.74
N GLY B 348 -7.67 0.74 -23.99
CA GLY B 348 -6.73 1.66 -23.36
C GLY B 348 -6.91 1.77 -21.86
N GLY B 349 -5.80 2.00 -21.15
CA GLY B 349 -5.82 2.05 -19.69
C GLY B 349 -5.50 0.68 -19.11
N LEU B 350 -5.04 0.65 -17.88
CA LEU B 350 -4.71 -0.63 -17.21
C LEU B 350 -5.57 -0.86 -15.98
N LEU B 351 -5.40 -2.01 -15.33
CA LEU B 351 -6.34 -2.41 -14.28
C LEU B 351 -5.79 -3.37 -13.21
N ASP B 352 -6.63 -3.60 -12.20
CA ASP B 352 -6.33 -4.43 -11.04
C ASP B 352 -6.06 -5.89 -11.45
N LYS B 353 -7.08 -6.57 -11.95
CA LYS B 353 -6.95 -7.96 -12.38
C LYS B 353 -8.03 -8.24 -13.42
N PRO B 354 -7.89 -9.34 -14.18
CA PRO B 354 -8.90 -9.62 -15.21
C PRO B 354 -10.32 -9.64 -14.63
N GLY B 355 -11.25 -9.01 -15.34
CA GLY B 355 -12.61 -8.89 -14.85
C GLY B 355 -12.90 -7.55 -14.19
N LYS B 356 -11.85 -6.78 -13.91
CA LYS B 356 -11.99 -5.47 -13.29
C LYS B 356 -11.97 -4.37 -14.35
N SER B 357 -12.45 -3.18 -14.00
CA SER B 357 -12.51 -2.09 -14.96
C SER B 357 -11.32 -1.16 -14.83
N ARG B 358 -10.96 -0.53 -15.94
CA ARG B 358 -9.80 0.34 -16.00
C ARG B 358 -10.01 1.61 -15.19
N ASP B 359 -8.90 2.24 -14.79
CA ASP B 359 -8.96 3.51 -14.08
C ASP B 359 -7.57 4.14 -14.09
N PHE B 360 -7.50 5.43 -13.80
CA PHE B 360 -6.23 6.14 -13.92
C PHE B 360 -5.22 5.80 -12.84
N TYR B 361 -5.71 5.35 -11.68
CA TYR B 361 -4.85 4.90 -10.59
C TYR B 361 -4.06 3.67 -11.01
N HIS B 362 -4.75 2.65 -11.52
CA HIS B 362 -4.08 1.42 -11.91
C HIS B 362 -3.25 1.59 -13.18
N THR B 363 -3.60 2.59 -13.99
CA THR B 363 -2.83 2.92 -15.18
C THR B 363 -1.47 3.46 -14.75
N CYS B 364 -1.50 4.38 -13.78
CA CYS B 364 -0.28 4.97 -13.25
C CYS B 364 0.66 3.91 -12.67
N TYR B 365 0.14 3.07 -11.78
CA TYR B 365 0.99 2.17 -11.00
C TYR B 365 1.35 0.85 -11.68
N CYS B 366 0.53 0.39 -12.62
CA CYS B 366 0.91 -0.76 -13.43
C CYS B 366 2.10 -0.42 -14.31
N LEU B 367 2.06 0.77 -14.91
CA LEU B 367 3.17 1.22 -15.75
C LEU B 367 4.41 1.51 -14.92
N SER B 368 4.22 2.09 -13.74
CA SER B 368 5.33 2.35 -12.83
C SER B 368 6.04 1.05 -12.48
N GLY B 369 5.27 0.03 -12.13
CA GLY B 369 5.81 -1.29 -11.82
C GLY B 369 6.47 -1.94 -13.02
N LEU B 370 5.90 -1.75 -14.20
CA LEU B 370 6.49 -2.31 -15.41
C LEU B 370 7.90 -1.74 -15.61
N SER B 371 8.03 -0.43 -15.46
CA SER B 371 9.32 0.24 -15.59
C SER B 371 10.35 -0.30 -14.61
N ILE B 372 9.95 -0.43 -13.35
CA ILE B 372 10.83 -1.01 -12.33
C ILE B 372 11.36 -2.36 -12.81
N ALA B 373 10.47 -3.19 -13.35
CA ALA B 373 10.81 -4.54 -13.78
C ALA B 373 11.67 -4.59 -15.03
N GLN B 374 11.64 -3.52 -15.83
CA GLN B 374 12.44 -3.43 -17.04
C GLN B 374 13.86 -2.91 -16.76
N HIS B 375 13.98 -2.04 -15.77
CA HIS B 375 15.24 -1.30 -15.55
C HIS B 375 15.93 -1.60 -14.23
N PHE B 376 17.16 -2.11 -14.32
CA PHE B 376 18.00 -2.28 -13.14
C PHE B 376 19.19 -1.33 -13.19
N GLY B 377 19.53 -0.74 -12.06
CA GLY B 377 20.65 0.19 -11.96
C GLY B 377 21.21 0.30 -10.56
N SER B 378 22.54 0.22 -10.43
CA SER B 378 23.21 0.34 -9.14
C SER B 378 24.59 1.00 -9.29
N GLY B 379 24.60 2.33 -9.32
CA GLY B 379 25.83 3.09 -9.47
C GLY B 379 26.31 3.13 -10.91
N ALA B 380 27.22 2.22 -11.24
CA ALA B 380 27.78 2.16 -12.59
C ALA B 380 27.14 1.05 -13.42
N MET B 381 26.65 0.02 -12.73
CA MET B 381 26.03 -1.12 -13.40
C MET B 381 24.65 -0.77 -13.96
N LEU B 382 24.39 -1.23 -15.18
CA LEU B 382 23.10 -0.98 -15.84
C LEU B 382 22.69 -2.20 -16.67
N HIS B 383 21.45 -2.65 -16.50
CA HIS B 383 20.97 -3.82 -17.23
C HIS B 383 19.45 -3.83 -17.36
N ASP B 384 18.97 -4.02 -18.59
CA ASP B 384 17.54 -4.02 -18.87
C ASP B 384 17.02 -5.40 -19.27
N VAL B 385 15.75 -5.63 -18.97
CA VAL B 385 15.04 -6.83 -19.44
C VAL B 385 13.68 -6.39 -19.97
N VAL B 386 13.47 -6.54 -21.28
CA VAL B 386 12.21 -6.14 -21.89
C VAL B 386 11.50 -7.32 -22.51
N MET B 387 10.40 -7.75 -21.90
CA MET B 387 9.60 -8.86 -22.43
C MET B 387 8.68 -8.37 -23.56
N GLY B 388 8.46 -9.24 -24.54
CA GLY B 388 7.67 -8.86 -25.71
C GLY B 388 8.44 -7.99 -26.67
N VAL B 389 7.73 -7.26 -27.52
CA VAL B 389 8.37 -6.39 -28.49
C VAL B 389 9.16 -5.27 -27.78
N PRO B 390 10.29 -4.86 -28.37
CA PRO B 390 11.20 -3.87 -27.79
C PRO B 390 10.57 -2.49 -27.59
N GLU B 391 9.50 -2.20 -28.33
CA GLU B 391 8.80 -0.93 -28.19
C GLU B 391 8.13 -0.82 -26.81
N ASN B 392 8.07 -1.94 -26.11
CA ASN B 392 7.49 -1.99 -24.78
C ASN B 392 8.27 -1.17 -23.75
N VAL B 393 9.56 -0.96 -24.01
CA VAL B 393 10.44 -0.28 -23.05
C VAL B 393 9.93 1.11 -22.68
N LEU B 394 9.90 1.39 -21.38
CA LEU B 394 9.40 2.67 -20.88
C LEU B 394 10.51 3.53 -20.31
N GLN B 395 10.20 4.79 -20.03
CA GLN B 395 11.12 5.66 -19.33
C GLN B 395 11.24 5.23 -17.87
N PRO B 396 12.44 5.38 -17.27
CA PRO B 396 12.65 4.93 -15.90
C PRO B 396 11.95 5.81 -14.86
N THR B 397 11.77 5.29 -13.66
CA THR B 397 11.12 6.05 -12.59
C THR B 397 11.95 5.98 -11.30
N HIS B 398 11.85 7.02 -10.48
CA HIS B 398 12.57 7.07 -9.22
C HIS B 398 11.80 6.30 -8.15
N PRO B 399 12.47 5.37 -7.46
CA PRO B 399 11.81 4.46 -6.51
C PRO B 399 11.28 5.12 -5.23
N VAL B 400 11.72 6.33 -4.93
CA VAL B 400 11.26 7.02 -3.73
C VAL B 400 10.06 7.94 -4.00
N TYR B 401 10.13 8.71 -5.08
CA TYR B 401 9.11 9.70 -5.39
C TYR B 401 8.10 9.25 -6.45
N ASN B 402 8.47 8.22 -7.21
CA ASN B 402 7.70 7.79 -8.37
C ASN B 402 7.44 8.91 -9.38
N ILE B 403 8.49 9.68 -9.67
CA ILE B 403 8.52 10.53 -10.85
C ILE B 403 9.85 10.27 -11.55
N GLY B 404 10.03 10.87 -12.73
CA GLY B 404 11.29 10.70 -13.47
C GLY B 404 12.49 11.13 -12.64
N PRO B 405 13.52 10.27 -12.60
CA PRO B 405 14.77 10.52 -11.86
C PRO B 405 15.38 11.88 -12.22
N ASP B 406 15.22 12.27 -13.48
CA ASP B 406 15.71 13.56 -13.94
C ASP B 406 14.90 14.70 -13.33
N LYS B 407 13.59 14.51 -13.23
CA LYS B 407 12.71 15.53 -12.66
C LYS B 407 13.02 15.73 -11.18
N VAL B 408 13.39 14.64 -10.50
CA VAL B 408 13.79 14.71 -9.09
C VAL B 408 15.02 15.59 -8.92
N ILE B 409 16.08 15.26 -9.67
CA ILE B 409 17.32 16.02 -9.63
C ILE B 409 17.08 17.48 -9.98
N GLN B 410 16.37 17.71 -11.08
CA GLN B 410 16.06 19.08 -11.50
C GLN B 410 15.38 19.87 -10.39
N ALA B 411 14.32 19.29 -9.81
CA ALA B 411 13.58 19.97 -8.75
C ALA B 411 14.45 20.27 -7.53
N THR B 412 15.13 19.24 -7.03
CA THR B 412 15.94 19.41 -5.83
C THR B 412 16.99 20.50 -6.01
N THR B 413 17.70 20.46 -7.13
CA THR B 413 18.69 21.49 -7.43
C THR B 413 18.07 22.88 -7.39
N HIS B 414 16.96 23.06 -8.10
CA HIS B 414 16.31 24.36 -8.15
C HIS B 414 15.96 24.92 -6.78
N PHE B 415 15.38 24.10 -5.92
CA PHE B 415 14.95 24.57 -4.61
C PHE B 415 16.10 24.74 -3.63
N LEU B 416 17.23 24.11 -3.93
CA LEU B 416 18.42 24.31 -3.12
C LEU B 416 18.96 25.72 -3.31
N GLN B 417 18.45 26.43 -4.31
CA GLN B 417 18.82 27.82 -4.55
C GLN B 417 18.14 28.74 -3.55
N LYS B 418 17.16 28.21 -2.83
CA LYS B 418 16.45 28.96 -1.82
C LYS B 418 16.91 28.50 -0.44
N PRO B 419 16.82 29.40 0.56
CA PRO B 419 17.14 28.98 1.91
C PRO B 419 15.92 28.40 2.62
N VAL B 420 16.13 27.40 3.46
CA VAL B 420 15.07 26.88 4.30
C VAL B 420 14.35 28.03 5.00
N PRO B 421 13.03 28.12 4.83
CA PRO B 421 12.23 29.19 5.44
C PRO B 421 12.64 29.47 6.88
N GLY B 422 12.87 30.73 7.20
CA GLY B 422 13.35 31.13 8.53
C GLY B 422 14.86 31.09 8.63
N PHE B 423 15.51 30.65 7.54
CA PHE B 423 16.96 30.52 7.49
C PHE B 423 17.46 29.35 8.33
#